data_1FCP
#
_entry.id   1FCP
#
_cell.length_a   171.400
_cell.length_b   171.400
_cell.length_c   85.700
_cell.angle_alpha   90.00
_cell.angle_beta   90.00
_cell.angle_gamma   120.00
#
_symmetry.space_group_name_H-M   'P 61'
#
loop_
_entity.id
_entity.type
_entity.pdbx_description
1 polymer 'PROTEIN (FERRIC HYDROXAMATE UPTAKE RECEPTOR)'
2 branched 'alpha-D-galactopyranose-(1-3)-[alpha-D-galactopyranose-(1-6)]alpha-D-glucopyranose-(1-3)-4-O-phosphono-D-glycero-beta-D-manno-heptopyranose-(1-3)-L-glycero-alpha-D-manno-heptopyranose-(1-5)-[3-deoxy-alpha-D-manno-oct-2-ulopyranosonic acid-(2-4)]3-deoxy-alpha-D-manno-oct-2-ulopyranosonic acid-(2-6)-2-amino-2-deoxy-4-O-phosphono-alpha-D-glucopyranose-(1-6)-2-amino-2-deoxy-1-O-phosphono-alpha-D-glucopyranose'
3 non-polymer 'NICKEL (II) ION'
4 non-polymer '2-TRIDECANOYLOXY-PENTADECANOIC ACID'
5 non-polymer 'ACETOACETIC ACID'
6 non-polymer '3-OXO-PENTADECANOIC ACID'
7 non-polymer AMINOETHANOLPYROPHOSPHATE
8 non-polymer FERRICROCIN-IRON
9 water water
#
_entity_poly.entity_id   1
_entity_poly.type   'polypeptide(L)'
_entity_poly.pdbx_seq_one_letter_code
;ESAWGPAATIAARQSATGTKTDTPIQKVPQSISVVTAEE(MSE)ALHQPKSVKEALSYTPGVSVGTRGASNTYDHLIIRG
FAAEGQSQNNYLNGLKLQGNFYNDAVIDPY(MSE)LERAEI(MSE)RGPVSVLYGKSSPGGLLN(MSE)VSKRPTTEPLK
EVQFKAGTDSLFQTGFDFSDSLDDDGVYSYRLTGLARSANAQQKGSEEQRYAIAPAFTWRPDDKTNFTFLSYFQNEPETG
YYGWLPKEGTVEPLPNGKRLPTDFNEGAKNNTYSRNEK(MSE)VGYSFDHEFNDTFTVRQNLRFAENKTSQNSVYGYGVC
SDPANAYSKQCAALAPADKGHYLARKYVVDDEKLQNFSVDTQLQSKFATGDIDHTLLTGVDF(MSE)R(MSE)RNDINAW
FGYDDSVPLLNLYNPSHHHHHHGSVNTDFDFNAKDPANSGPYRILNKQKQTGVYVQDQAQWDKVLVTLGGRYDWADQESL
NRVAGTTDKRDDKQFTWRGGVNYLFDNGVTPYFSYSESFEPSSQVGKDGNIFAPSKGKQYEVGVKYVPEDRPIVVTGAVY
NLTKTNNL(MSE)ADPEGSFFSVEGGEIRARGVEIEAKAALSASVNVVGSYTYTDAEYTTDTTYKGNTPAQVPKH(MSE)
ASLWADYTFFDGPLSGLTLGTGGRYTGSSYGDPANSFKVGSYTVVDALVRYDLARVG(MSE)AGSNVALHVNNLFDREYV
ASCFNTYGCFWGAERQVVATATFRF
;
_entity_poly.pdbx_strand_id   A
#
# COMPACT_ATOMS: atom_id res chain seq x y z
N GLU A 1 -6.42 -25.45 3.06
CA GLU A 1 -6.43 -23.96 2.99
C GLU A 1 -5.97 -23.52 1.59
N SER A 2 -6.84 -22.78 0.90
CA SER A 2 -6.55 -22.28 -0.46
C SER A 2 -5.89 -20.90 -0.44
N ALA A 3 -5.00 -20.67 -1.41
CA ALA A 3 -4.29 -19.39 -1.52
C ALA A 3 -5.21 -18.24 -1.93
N TRP A 4 -6.43 -18.59 -2.35
CA TRP A 4 -7.41 -17.60 -2.79
C TRP A 4 -8.64 -17.55 -1.88
N GLY A 5 -8.53 -18.17 -0.71
CA GLY A 5 -9.65 -18.19 0.22
C GLY A 5 -9.27 -17.98 1.68
N PRO A 6 -10.23 -18.11 2.61
CA PRO A 6 -9.97 -17.94 4.05
C PRO A 6 -8.78 -18.76 4.52
N ALA A 7 -8.30 -18.51 5.73
CA ALA A 7 -7.14 -19.23 6.27
C ALA A 7 -7.39 -20.05 7.54
N ALA A 8 -8.60 -19.94 8.10
CA ALA A 8 -8.97 -20.67 9.33
C ALA A 8 -8.45 -19.95 10.56
N THR A 9 -7.12 -19.85 10.65
CA THR A 9 -6.48 -19.17 11.78
C THR A 9 -5.74 -17.98 11.19
N ILE A 10 -5.30 -17.06 12.04
CA ILE A 10 -4.58 -15.87 11.58
C ILE A 10 -3.34 -16.28 10.79
N ALA A 11 -3.06 -17.58 10.79
CA ALA A 11 -1.90 -18.14 10.09
C ALA A 11 -2.30 -18.78 8.77
N ALA A 12 -1.91 -18.13 7.69
CA ALA A 12 -2.19 -18.65 6.36
C ALA A 12 -0.95 -19.40 5.97
N ARG A 13 -1.11 -20.67 5.63
CA ARG A 13 0.02 -21.48 5.24
C ARG A 13 0.17 -21.48 3.74
N GLN A 14 -0.92 -21.12 3.06
CA GLN A 14 -0.93 -21.11 1.60
C GLN A 14 -0.97 -19.72 0.97
N SER A 15 -0.22 -19.53 -0.10
CA SER A 15 -0.17 -18.27 -0.83
C SER A 15 0.22 -18.49 -2.27
N ALA A 16 -0.49 -17.85 -3.17
CA ALA A 16 -0.21 -18.00 -4.58
C ALA A 16 0.41 -16.76 -5.21
N THR A 17 0.65 -15.75 -4.42
CA THR A 17 1.19 -14.53 -5.00
C THR A 17 2.71 -14.47 -5.05
N GLY A 18 3.37 -15.58 -4.77
CA GLY A 18 4.82 -15.60 -4.81
C GLY A 18 5.31 -16.50 -5.93
N THR A 19 4.46 -17.42 -6.37
CA THR A 19 4.81 -18.37 -7.41
C THR A 19 3.70 -18.55 -8.45
N LYS A 20 2.60 -17.82 -8.26
CA LYS A 20 1.46 -17.89 -9.15
C LYS A 20 0.82 -19.28 -9.15
N THR A 21 1.08 -20.03 -8.09
CA THR A 21 0.52 -21.37 -7.93
C THR A 21 0.36 -21.66 -6.44
N ASP A 22 -0.81 -22.13 -6.05
CA ASP A 22 -1.10 -22.43 -4.64
C ASP A 22 0.03 -23.24 -3.99
N THR A 23 0.88 -22.56 -3.22
CA THR A 23 2.05 -23.18 -2.59
C THR A 23 2.20 -22.86 -1.11
N PRO A 24 2.55 -23.86 -0.27
CA PRO A 24 2.72 -23.55 1.14
C PRO A 24 3.89 -22.58 1.31
N ILE A 25 3.70 -21.54 2.13
CA ILE A 25 4.72 -20.54 2.35
C ILE A 25 6.12 -21.06 2.53
N GLN A 26 6.27 -22.13 3.31
CA GLN A 26 7.58 -22.70 3.56
C GLN A 26 8.26 -23.09 2.24
N LYS A 27 7.46 -23.48 1.27
CA LYS A 27 7.97 -23.88 -0.03
C LYS A 27 8.19 -22.71 -0.98
N VAL A 28 8.13 -21.48 -0.49
CA VAL A 28 8.34 -20.34 -1.37
C VAL A 28 9.65 -19.65 -1.04
N PRO A 29 10.54 -19.54 -2.03
CA PRO A 29 11.87 -18.92 -1.95
C PRO A 29 11.90 -17.43 -1.68
N GLN A 30 10.77 -16.86 -1.25
CA GLN A 30 10.75 -15.43 -0.98
C GLN A 30 9.91 -14.99 0.19
N SER A 31 10.30 -13.86 0.77
CA SER A 31 9.61 -13.28 1.92
C SER A 31 8.18 -12.90 1.57
N ILE A 32 7.22 -13.68 2.03
CA ILE A 32 5.82 -13.36 1.76
C ILE A 32 5.05 -13.30 3.08
N SER A 33 4.34 -12.19 3.27
CA SER A 33 3.53 -11.98 4.45
C SER A 33 2.06 -12.02 4.06
N VAL A 34 1.23 -12.54 4.95
CA VAL A 34 -0.18 -12.65 4.67
C VAL A 34 -1.05 -12.20 5.83
N VAL A 35 -1.73 -11.07 5.64
CA VAL A 35 -2.63 -10.54 6.66
C VAL A 35 -4.00 -11.10 6.33
N THR A 36 -4.53 -11.89 7.25
CA THR A 36 -5.83 -12.53 7.11
C THR A 36 -6.97 -11.55 7.30
N ALA A 37 -8.16 -11.95 6.87
CA ALA A 37 -9.33 -11.12 7.02
C ALA A 37 -9.68 -11.08 8.50
N GLU A 38 -9.33 -12.15 9.20
CA GLU A 38 -9.57 -12.27 10.63
C GLU A 38 -8.80 -11.15 11.33
N GLU A 39 -7.52 -11.05 10.99
CA GLU A 39 -6.66 -10.03 11.58
C GLU A 39 -7.27 -8.65 11.32
N ALA A 41 -10.24 -8.02 10.85
CA ALA A 41 -11.48 -7.98 11.61
C ALA A 41 -11.15 -7.78 13.09
N LEU A 42 -9.88 -7.52 13.39
CA LEU A 42 -9.42 -7.33 14.76
C LEU A 42 -9.11 -5.87 15.09
N HIS A 43 -8.56 -5.13 14.13
CA HIS A 43 -8.23 -3.73 14.37
C HIS A 43 -9.16 -2.81 13.58
N GLN A 44 -10.06 -3.42 12.80
CA GLN A 44 -10.99 -2.64 11.97
C GLN A 44 -10.23 -1.56 11.21
N PRO A 45 -9.10 -1.94 10.61
CA PRO A 45 -8.33 -0.96 9.86
C PRO A 45 -9.19 -0.09 8.94
N LYS A 46 -8.73 1.13 8.75
CA LYS A 46 -9.40 2.11 7.90
C LYS A 46 -9.04 1.81 6.45
N SER A 47 -7.84 1.28 6.26
CA SER A 47 -7.35 0.95 4.92
C SER A 47 -6.41 -0.23 4.92
N VAL A 48 -6.09 -0.71 3.73
CA VAL A 48 -5.17 -1.83 3.60
C VAL A 48 -3.81 -1.38 4.10
N LYS A 49 -3.60 -0.06 4.13
CA LYS A 49 -2.35 0.47 4.66
C LYS A 49 -2.29 -0.08 6.08
N GLU A 50 -3.24 0.38 6.92
CA GLU A 50 -3.34 -0.04 8.32
C GLU A 50 -3.21 -1.53 8.57
N ALA A 51 -3.90 -2.32 7.75
CA ALA A 51 -3.89 -3.77 7.90
C ALA A 51 -2.46 -4.27 7.87
N LEU A 52 -1.53 -3.40 7.49
CA LEU A 52 -0.12 -3.73 7.39
C LEU A 52 0.78 -3.10 8.48
N SER A 53 0.16 -2.57 9.53
CA SER A 53 0.91 -1.92 10.61
C SER A 53 1.84 -2.88 11.37
N TYR A 54 1.55 -4.19 11.31
CA TYR A 54 2.36 -5.18 12.01
C TYR A 54 3.30 -6.00 11.12
N THR A 55 3.07 -5.98 9.83
CA THR A 55 3.89 -6.73 8.90
C THR A 55 5.26 -6.07 8.69
N PRO A 56 6.35 -6.86 8.82
CA PRO A 56 7.71 -6.35 8.65
C PRO A 56 8.13 -6.00 7.24
N GLY A 57 9.04 -5.03 7.13
CA GLY A 57 9.54 -4.62 5.84
C GLY A 57 8.67 -3.58 5.17
N VAL A 58 7.63 -3.12 5.85
CA VAL A 58 6.72 -2.14 5.28
C VAL A 58 6.46 -0.94 6.17
N SER A 59 6.69 0.25 5.64
CA SER A 59 6.39 1.47 6.40
C SER A 59 4.98 1.81 5.96
N VAL A 60 4.23 2.50 6.80
CA VAL A 60 2.86 2.83 6.45
C VAL A 60 2.51 4.21 6.94
N GLY A 61 3.52 5.05 7.09
CA GLY A 61 3.32 6.40 7.56
C GLY A 61 3.90 7.40 6.59
N THR A 62 4.16 6.95 5.37
CA THR A 62 4.70 7.83 4.35
C THR A 62 3.76 9.01 4.15
N ARG A 63 2.68 9.05 4.92
CA ARG A 63 1.72 10.14 4.81
C ARG A 63 1.00 10.42 6.13
N GLY A 64 1.45 9.76 7.19
CA GLY A 64 0.80 9.98 8.46
C GLY A 64 -0.67 9.68 8.41
N ALA A 65 -1.45 10.38 9.22
CA ALA A 65 -2.88 10.20 9.33
C ALA A 65 -3.65 10.09 8.02
N SER A 66 -3.14 10.70 6.96
CA SER A 66 -3.80 10.64 5.67
C SER A 66 -4.10 9.22 5.20
N ASN A 67 -5.15 9.06 4.42
CA ASN A 67 -5.55 7.74 3.91
C ASN A 67 -5.92 7.73 2.43
N THR A 68 -5.71 8.86 1.76
CA THR A 68 -6.01 9.00 0.35
C THR A 68 -5.48 7.88 -0.54
N TYR A 69 -4.32 7.35 -0.18
CA TYR A 69 -3.69 6.30 -0.96
C TYR A 69 -3.00 5.26 -0.11
N ASP A 70 -3.00 4.03 -0.60
CA ASP A 70 -2.35 2.93 0.07
C ASP A 70 -0.95 2.88 -0.54
N HIS A 71 -0.22 3.97 -0.33
CA HIS A 71 1.15 4.12 -0.82
C HIS A 71 2.09 3.57 0.24
N LEU A 72 2.82 2.53 -0.12
CA LEU A 72 3.72 1.91 0.83
C LEU A 72 5.18 1.95 0.43
N ILE A 73 6.06 1.90 1.42
CA ILE A 73 7.49 1.82 1.14
C ILE A 73 7.88 0.45 1.67
N ILE A 74 8.30 -0.42 0.75
CA ILE A 74 8.68 -1.77 1.10
C ILE A 74 10.18 -2.01 0.96
N ARG A 75 10.81 -2.34 2.08
CA ARG A 75 12.25 -2.60 2.08
C ARG A 75 13.02 -1.35 1.68
N GLY A 76 12.47 -0.18 1.98
CA GLY A 76 13.14 1.07 1.64
C GLY A 76 12.84 1.62 0.25
N PHE A 77 12.06 0.89 -0.55
CA PHE A 77 11.74 1.34 -1.90
C PHE A 77 10.25 1.47 -2.18
N ALA A 78 9.93 2.40 -3.07
CA ALA A 78 8.56 2.64 -3.47
C ALA A 78 8.61 2.90 -4.97
N ALA A 79 7.46 2.90 -5.62
CA ALA A 79 7.42 3.14 -7.07
C ALA A 79 7.77 4.60 -7.34
N GLU A 80 8.39 4.86 -8.50
CA GLU A 80 8.80 6.21 -8.86
C GLU A 80 7.61 7.13 -9.03
N GLY A 81 7.81 8.40 -8.71
CA GLY A 81 6.74 9.38 -8.86
C GLY A 81 5.57 9.29 -7.88
N GLN A 82 5.83 8.84 -6.65
CA GLN A 82 4.77 8.71 -5.64
C GLN A 82 3.59 7.89 -6.06
N SER A 83 3.83 6.94 -6.96
CA SER A 83 2.77 6.10 -7.43
C SER A 83 2.69 4.85 -6.55
N GLN A 84 1.52 4.25 -6.45
CA GLN A 84 1.37 3.03 -5.68
C GLN A 84 2.08 1.92 -6.46
N ASN A 85 1.85 0.67 -6.04
CA ASN A 85 2.39 -0.51 -6.69
C ASN A 85 1.61 -1.62 -6.03
N ASN A 86 0.29 -1.54 -6.21
CA ASN A 86 -0.65 -2.46 -5.60
C ASN A 86 -1.38 -3.36 -6.63
N TYR A 87 -1.45 -4.66 -6.32
CA TYR A 87 -2.12 -5.64 -7.18
C TYR A 87 -3.38 -6.18 -6.51
N LEU A 88 -4.40 -6.42 -7.33
CA LEU A 88 -5.67 -6.95 -6.85
C LEU A 88 -6.01 -8.19 -7.68
N ASN A 89 -5.95 -9.35 -7.02
CA ASN A 89 -6.21 -10.65 -7.62
C ASN A 89 -5.24 -11.06 -8.73
N GLY A 90 -3.97 -10.68 -8.57
CA GLY A 90 -2.94 -11.08 -9.52
C GLY A 90 -2.78 -10.15 -10.69
N LEU A 91 -3.59 -9.10 -10.74
CA LEU A 91 -3.54 -8.14 -11.83
C LEU A 91 -3.35 -6.75 -11.26
N LYS A 92 -2.29 -6.07 -11.70
CA LYS A 92 -1.97 -4.75 -11.17
C LYS A 92 -3.01 -3.66 -11.36
N LEU A 93 -3.18 -2.84 -10.32
CA LEU A 93 -4.08 -1.71 -10.35
C LEU A 93 -3.21 -0.54 -10.81
N GLN A 94 -2.75 -0.60 -12.05
CA GLN A 94 -1.90 0.45 -12.60
C GLN A 94 -2.56 1.80 -12.62
N GLY A 95 -1.99 2.74 -11.88
CA GLY A 95 -2.53 4.08 -11.83
C GLY A 95 -1.47 5.01 -12.36
N ASN A 96 -1.78 6.30 -12.37
CA ASN A 96 -0.87 7.30 -12.86
C ASN A 96 -1.24 8.66 -12.29
N PHE A 97 -0.20 9.42 -11.95
CA PHE A 97 -0.35 10.74 -11.38
C PHE A 97 -1.22 10.61 -10.12
N TYR A 98 -2.27 11.41 -9.99
CA TYR A 98 -3.17 11.32 -8.82
C TYR A 98 -4.21 10.24 -8.99
N ASN A 99 -4.11 9.47 -10.08
CA ASN A 99 -5.10 8.42 -10.32
C ASN A 99 -4.67 7.02 -9.90
N ASP A 100 -4.64 6.79 -8.59
CA ASP A 100 -4.29 5.48 -8.04
C ASP A 100 -5.54 5.07 -7.29
N ALA A 101 -5.94 3.81 -7.42
CA ALA A 101 -7.15 3.31 -6.78
C ALA A 101 -6.92 2.58 -5.48
N VAL A 102 -7.92 2.58 -4.62
CA VAL A 102 -7.80 1.85 -3.37
C VAL A 102 -9.04 0.98 -3.24
N ILE A 103 -8.88 -0.17 -2.60
CA ILE A 103 -9.97 -1.10 -2.37
C ILE A 103 -10.18 -1.07 -0.87
N ASP A 104 -11.43 -1.08 -0.43
CA ASP A 104 -11.68 -1.04 1.01
C ASP A 104 -11.33 -2.41 1.58
N PRO A 105 -10.70 -2.44 2.76
CA PRO A 105 -10.33 -3.73 3.37
C PRO A 105 -11.49 -4.68 3.67
N TYR A 106 -12.69 -4.14 3.82
CA TYR A 106 -13.85 -4.97 4.11
C TYR A 106 -14.19 -5.89 2.95
N LEU A 108 -12.04 -7.38 1.20
CA LEU A 108 -10.95 -8.32 1.02
C LEU A 108 -11.05 -9.56 1.86
N GLU A 109 -10.37 -10.60 1.40
CA GLU A 109 -10.32 -11.89 2.06
C GLU A 109 -8.95 -11.93 2.69
N ARG A 110 -8.00 -11.32 1.99
CA ARG A 110 -6.63 -11.30 2.48
C ARG A 110 -5.75 -10.33 1.71
N ALA A 111 -4.85 -9.68 2.45
CA ALA A 111 -3.92 -8.73 1.88
C ALA A 111 -2.55 -9.34 2.04
N GLU A 112 -1.85 -9.52 0.93
CA GLU A 112 -0.51 -10.11 0.97
C GLU A 112 0.55 -9.12 0.54
N ILE A 113 1.78 -9.34 1.00
CA ILE A 113 2.89 -8.47 0.65
C ILE A 113 4.07 -9.33 0.24
N ARG A 115 7.93 -9.30 -0.67
CA ARG A 115 9.12 -8.48 -0.44
C ARG A 115 10.30 -8.84 -1.35
N GLY A 116 10.77 -7.87 -2.12
CA GLY A 116 11.89 -8.12 -3.03
C GLY A 116 11.49 -8.00 -4.49
N PRO A 117 12.40 -8.32 -5.44
CA PRO A 117 12.09 -8.24 -6.87
C PRO A 117 10.89 -9.11 -7.18
N VAL A 118 9.96 -8.63 -8.02
CA VAL A 118 8.76 -9.38 -8.35
C VAL A 118 8.49 -9.52 -9.84
N SER A 119 9.38 -8.99 -10.66
CA SER A 119 9.19 -9.02 -12.10
C SER A 119 9.18 -10.42 -12.71
N VAL A 120 9.78 -11.39 -12.02
CA VAL A 120 9.84 -12.74 -12.56
C VAL A 120 8.47 -13.35 -12.83
N LEU A 121 7.43 -12.69 -12.32
CA LEU A 121 6.07 -13.19 -12.52
C LEU A 121 5.05 -12.09 -12.79
N TYR A 122 5.41 -10.85 -12.50
CA TYR A 122 4.48 -9.72 -12.69
C TYR A 122 4.90 -8.57 -13.62
N GLY A 123 6.15 -8.56 -14.06
CA GLY A 123 6.57 -7.49 -14.95
C GLY A 123 7.19 -6.28 -14.28
N LYS A 124 7.20 -5.16 -15.00
CA LYS A 124 7.78 -3.95 -14.44
C LYS A 124 7.28 -3.71 -13.03
N SER A 125 8.20 -3.34 -12.15
CA SER A 125 7.85 -3.07 -10.77
C SER A 125 8.99 -2.53 -9.96
N SER A 126 8.66 -1.70 -8.98
CA SER A 126 9.64 -1.14 -8.08
C SER A 126 10.36 -2.33 -7.45
N PRO A 127 11.62 -2.14 -7.03
CA PRO A 127 12.37 -3.24 -6.42
C PRO A 127 11.87 -3.57 -5.03
N GLY A 128 11.99 -4.83 -4.65
CA GLY A 128 11.54 -5.22 -3.32
C GLY A 128 10.21 -4.65 -2.88
N GLY A 129 9.15 -4.89 -3.63
CA GLY A 129 7.86 -4.35 -3.20
C GLY A 129 6.65 -4.59 -4.05
N LEU A 130 5.68 -5.29 -3.48
CA LEU A 130 4.44 -5.59 -4.16
C LEU A 130 3.37 -5.94 -3.14
N LEU A 131 2.15 -5.46 -3.37
CA LEU A 131 1.00 -5.73 -2.49
C LEU A 131 -0.06 -6.33 -3.39
N ASN A 132 -0.66 -7.42 -2.94
CA ASN A 132 -1.70 -8.07 -3.71
C ASN A 132 -2.82 -8.39 -2.73
N VAL A 134 -6.76 -10.00 -2.18
CA VAL A 134 -7.62 -11.01 -2.76
C VAL A 134 -9.07 -10.67 -2.44
N SER A 135 -9.86 -10.40 -3.47
CA SER A 135 -11.27 -10.10 -3.29
C SER A 135 -11.95 -11.24 -2.56
N LYS A 136 -13.02 -10.93 -1.84
CA LYS A 136 -13.79 -11.95 -1.16
C LYS A 136 -14.49 -12.71 -2.27
N ARG A 137 -14.61 -14.03 -2.13
CA ARG A 137 -15.29 -14.85 -3.12
C ARG A 137 -16.51 -15.49 -2.46
N PRO A 138 -17.47 -15.97 -3.25
CA PRO A 138 -18.64 -16.59 -2.62
C PRO A 138 -18.16 -17.62 -1.62
N THR A 139 -18.88 -17.75 -0.52
CA THR A 139 -18.52 -18.67 0.55
C THR A 139 -19.22 -20.02 0.38
N THR A 140 -18.67 -21.03 1.02
CA THR A 140 -19.22 -22.38 0.95
C THR A 140 -20.52 -22.54 1.72
N GLU A 141 -20.68 -21.79 2.81
CA GLU A 141 -21.90 -21.83 3.61
C GLU A 141 -22.54 -20.47 3.50
N PRO A 142 -23.88 -20.40 3.78
CA PRO A 142 -24.50 -19.07 3.66
C PRO A 142 -23.91 -18.10 4.65
N LEU A 143 -23.92 -16.84 4.28
CA LEU A 143 -23.40 -15.77 5.13
C LEU A 143 -24.25 -14.53 4.96
N LYS A 144 -24.84 -14.07 6.05
CA LYS A 144 -25.65 -12.85 6.04
C LYS A 144 -25.16 -11.97 7.19
N GLU A 145 -24.30 -11.02 6.84
CA GLU A 145 -23.71 -10.12 7.82
C GLU A 145 -24.05 -8.64 7.64
N VAL A 146 -24.32 -7.97 8.75
CA VAL A 146 -24.60 -6.55 8.74
C VAL A 146 -23.67 -5.90 9.77
N GLN A 147 -23.01 -4.82 9.38
CA GLN A 147 -22.07 -4.18 10.27
C GLN A 147 -22.38 -2.71 10.54
N PHE A 148 -22.12 -2.28 11.76
CA PHE A 148 -22.36 -0.90 12.15
C PHE A 148 -21.17 -0.37 12.94
N LYS A 149 -20.65 0.77 12.49
CA LYS A 149 -19.51 1.41 13.13
C LYS A 149 -19.89 2.80 13.58
N ALA A 150 -19.24 3.26 14.64
CA ALA A 150 -19.47 4.60 15.16
C ALA A 150 -18.19 4.95 15.91
N GLY A 151 -17.62 6.12 15.61
CA GLY A 151 -16.39 6.48 16.30
C GLY A 151 -16.07 7.95 16.47
N THR A 152 -14.80 8.21 16.72
CA THR A 152 -14.28 9.55 16.93
C THR A 152 -14.40 10.33 15.64
N ASP A 153 -14.27 11.64 15.74
CA ASP A 153 -14.32 12.50 14.57
C ASP A 153 -15.49 12.15 13.68
N SER A 154 -16.63 11.89 14.33
CA SER A 154 -17.88 11.56 13.66
C SER A 154 -17.83 10.39 12.69
N LEU A 155 -17.18 9.30 13.10
CA LEU A 155 -17.11 8.13 12.23
C LEU A 155 -18.40 7.32 12.28
N PHE A 156 -19.04 7.22 11.13
CA PHE A 156 -20.28 6.46 11.00
C PHE A 156 -20.16 5.56 9.78
N GLN A 157 -20.28 4.25 9.99
CA GLN A 157 -20.18 3.31 8.89
C GLN A 157 -21.17 2.18 9.01
N THR A 158 -21.78 1.83 7.87
CA THR A 158 -22.75 0.77 7.81
C THR A 158 -22.45 -0.02 6.54
N GLY A 159 -22.28 -1.34 6.69
CA GLY A 159 -22.00 -2.17 5.54
C GLY A 159 -22.52 -3.57 5.71
N PHE A 160 -22.68 -4.29 4.61
CA PHE A 160 -23.15 -5.66 4.65
C PHE A 160 -22.21 -6.59 3.87
N ASP A 161 -22.39 -7.89 4.08
CA ASP A 161 -21.57 -8.91 3.41
C ASP A 161 -22.38 -10.19 3.35
N PHE A 162 -23.05 -10.43 2.23
CA PHE A 162 -23.87 -11.61 2.05
C PHE A 162 -23.36 -12.54 0.97
N SER A 163 -23.53 -13.84 1.20
CA SER A 163 -23.08 -14.83 0.23
C SER A 163 -23.91 -16.10 0.39
N ASP A 164 -24.57 -16.51 -0.70
CA ASP A 164 -25.38 -17.71 -0.69
C ASP A 164 -25.35 -18.37 -2.06
N SER A 165 -25.91 -19.57 -2.13
CA SER A 165 -25.95 -20.32 -3.38
C SER A 165 -27.35 -20.22 -3.94
N LEU A 166 -27.46 -20.30 -5.27
CA LEU A 166 -28.75 -20.26 -5.94
C LEU A 166 -29.35 -21.66 -6.04
N ASP A 167 -28.48 -22.64 -6.26
CA ASP A 167 -28.90 -24.04 -6.38
C ASP A 167 -28.34 -24.84 -5.20
N ASP A 168 -28.97 -25.97 -4.88
CA ASP A 168 -28.52 -26.78 -3.76
C ASP A 168 -27.19 -27.48 -4.00
N ASP A 169 -26.67 -27.40 -5.21
CA ASP A 169 -25.39 -28.04 -5.51
C ASP A 169 -24.21 -27.09 -5.47
N GLY A 170 -24.49 -25.80 -5.55
CA GLY A 170 -23.41 -24.83 -5.47
C GLY A 170 -22.73 -24.54 -6.79
N VAL A 171 -23.39 -24.87 -7.89
CA VAL A 171 -22.83 -24.61 -9.19
C VAL A 171 -23.00 -23.10 -9.42
N TYR A 172 -23.96 -22.52 -8.70
CA TYR A 172 -24.23 -21.09 -8.79
C TYR A 172 -24.27 -20.44 -7.41
N SER A 173 -23.28 -19.60 -7.14
CA SER A 173 -23.22 -18.88 -5.86
C SER A 173 -22.85 -17.42 -6.09
N TYR A 174 -23.15 -16.57 -5.12
CA TYR A 174 -22.83 -15.14 -5.24
C TYR A 174 -22.35 -14.57 -3.91
N ARG A 175 -21.95 -13.32 -3.95
CA ARG A 175 -21.51 -12.61 -2.75
C ARG A 175 -21.60 -11.14 -3.04
N LEU A 176 -22.26 -10.40 -2.16
CA LEU A 176 -22.40 -8.96 -2.32
C LEU A 176 -21.85 -8.30 -1.07
N THR A 177 -20.77 -7.55 -1.23
CA THR A 177 -20.17 -6.88 -0.07
C THR A 177 -20.26 -5.38 -0.31
N GLY A 178 -20.88 -4.65 0.62
CA GLY A 178 -21.00 -3.22 0.46
C GLY A 178 -20.81 -2.44 1.76
N LEU A 179 -20.68 -1.13 1.65
CA LEU A 179 -20.50 -0.30 2.83
C LEU A 179 -20.60 1.18 2.52
N ALA A 180 -20.93 1.93 3.56
CA ALA A 180 -21.06 3.37 3.46
C ALA A 180 -20.34 3.89 4.69
N ARG A 181 -19.37 4.75 4.47
CA ARG A 181 -18.58 5.29 5.55
C ARG A 181 -18.49 6.80 5.43
N SER A 182 -18.62 7.47 6.56
CA SER A 182 -18.52 8.92 6.61
C SER A 182 -17.77 9.28 7.88
N ALA A 183 -16.90 10.27 7.78
CA ALA A 183 -16.13 10.69 8.94
C ALA A 183 -15.42 12.00 8.72
N ASN A 184 -15.03 12.62 9.83
CA ASN A 184 -14.31 13.88 9.79
C ASN A 184 -12.84 13.52 9.85
N ALA A 185 -12.03 14.13 9.01
CA ALA A 185 -10.58 13.87 9.02
C ALA A 185 -9.95 14.44 10.30
N GLN A 186 -8.72 14.03 10.58
CA GLN A 186 -8.03 14.52 11.75
C GLN A 186 -7.90 16.03 11.67
N GLN A 187 -7.53 16.53 10.49
CA GLN A 187 -7.35 17.96 10.25
C GLN A 187 -8.68 18.68 10.04
N LYS A 188 -8.89 19.74 10.82
CA LYS A 188 -10.12 20.53 10.74
C LYS A 188 -10.45 20.93 9.32
N GLY A 189 -11.72 20.79 8.97
CA GLY A 189 -12.17 21.17 7.65
C GLY A 189 -12.27 20.03 6.66
N SER A 190 -11.46 18.99 6.84
CA SER A 190 -11.48 17.87 5.90
C SER A 190 -12.34 16.68 6.27
N GLU A 191 -13.08 16.19 5.29
CA GLU A 191 -13.97 15.05 5.49
C GLU A 191 -13.55 13.83 4.69
N GLU A 192 -14.08 12.68 5.08
CA GLU A 192 -13.83 11.40 4.42
C GLU A 192 -15.17 10.77 4.15
N GLN A 193 -15.41 10.42 2.90
CA GLN A 193 -16.67 9.81 2.52
C GLN A 193 -16.40 8.68 1.56
N ARG A 194 -17.06 7.55 1.79
CA ARG A 194 -16.88 6.40 0.91
C ARG A 194 -18.13 5.54 0.79
N TYR A 195 -18.44 5.18 -0.46
CA TYR A 195 -19.55 4.32 -0.77
C TYR A 195 -18.97 3.27 -1.70
N ALA A 196 -19.12 2.00 -1.35
CA ALA A 196 -18.59 0.94 -2.20
C ALA A 196 -19.44 -0.30 -2.11
N ILE A 197 -19.34 -1.13 -3.15
CA ILE A 197 -20.07 -2.38 -3.23
C ILE A 197 -19.32 -3.31 -4.20
N ALA A 198 -19.16 -4.56 -3.78
CA ALA A 198 -18.45 -5.56 -4.58
C ALA A 198 -19.31 -6.76 -4.93
N PRO A 199 -19.89 -6.75 -6.14
CA PRO A 199 -20.74 -7.84 -6.63
C PRO A 199 -19.81 -8.96 -7.08
N ALA A 200 -20.06 -10.18 -6.64
CA ALA A 200 -19.24 -11.34 -7.02
C ALA A 200 -20.17 -12.50 -7.35
N PHE A 201 -19.83 -13.26 -8.38
CA PHE A 201 -20.65 -14.37 -8.80
C PHE A 201 -19.75 -15.52 -9.20
N THR A 202 -20.01 -16.69 -8.65
CA THR A 202 -19.19 -17.87 -8.97
C THR A 202 -19.99 -18.97 -9.64
N TRP A 203 -19.40 -19.56 -10.67
CA TRP A 203 -20.02 -20.63 -11.42
C TRP A 203 -19.07 -21.83 -11.45
N ARG A 204 -19.48 -22.92 -10.81
CA ARG A 204 -18.69 -24.15 -10.77
C ARG A 204 -19.50 -25.25 -11.46
N PRO A 205 -19.38 -25.36 -12.78
CA PRO A 205 -20.12 -26.39 -13.53
C PRO A 205 -19.83 -27.78 -12.98
N ASP A 206 -18.62 -27.90 -12.42
CA ASP A 206 -18.14 -29.16 -11.88
C ASP A 206 -16.98 -28.90 -10.91
N ASP A 207 -16.35 -29.97 -10.43
CA ASP A 207 -15.25 -29.83 -9.49
C ASP A 207 -13.89 -29.62 -10.14
N LYS A 208 -13.89 -29.23 -11.41
CA LYS A 208 -12.62 -28.99 -12.08
C LYS A 208 -12.68 -27.66 -12.84
N THR A 209 -13.81 -26.98 -12.71
CA THR A 209 -14.00 -25.71 -13.39
C THR A 209 -14.56 -24.63 -12.47
N ASN A 210 -13.95 -23.46 -12.51
CA ASN A 210 -14.40 -22.36 -11.66
C ASN A 210 -14.24 -21.02 -12.37
N PHE A 211 -15.36 -20.38 -12.68
CA PHE A 211 -15.31 -19.06 -13.29
C PHE A 211 -15.92 -18.11 -12.28
N THR A 212 -15.10 -17.21 -11.72
CA THR A 212 -15.61 -16.27 -10.74
C THR A 212 -15.55 -14.81 -11.17
N PHE A 213 -16.74 -14.21 -11.28
CA PHE A 213 -16.89 -12.81 -11.68
C PHE A 213 -16.62 -11.92 -10.47
N LEU A 214 -15.69 -10.99 -10.65
CA LEU A 214 -15.29 -10.08 -9.58
C LEU A 214 -15.41 -8.60 -10.00
N SER A 215 -16.26 -7.87 -9.31
CA SER A 215 -16.45 -6.47 -9.62
C SER A 215 -16.31 -5.63 -8.36
N TYR A 216 -16.01 -4.36 -8.55
CA TYR A 216 -15.87 -3.40 -7.46
C TYR A 216 -16.26 -2.02 -7.98
N PHE A 217 -17.21 -1.40 -7.31
CA PHE A 217 -17.63 -0.05 -7.70
C PHE A 217 -17.55 0.79 -6.44
N GLN A 218 -16.85 1.91 -6.53
CA GLN A 218 -16.68 2.79 -5.38
C GLN A 218 -16.66 4.25 -5.75
N ASN A 219 -17.38 5.05 -4.97
CA ASN A 219 -17.47 6.48 -5.19
C ASN A 219 -17.10 7.21 -3.90
N GLU A 220 -16.12 8.11 -4.00
CA GLU A 220 -15.67 8.88 -2.86
C GLU A 220 -15.77 10.37 -3.11
N PRO A 221 -16.83 11.02 -2.61
CA PRO A 221 -17.06 12.46 -2.77
C PRO A 221 -15.88 13.25 -2.21
N GLU A 222 -15.46 12.91 -1.00
CA GLU A 222 -14.31 13.56 -0.36
C GLU A 222 -13.36 12.51 0.23
N THR A 223 -12.08 12.59 -0.13
CA THR A 223 -11.07 11.67 0.34
C THR A 223 -10.26 12.20 1.54
N GLY A 224 -10.45 13.47 1.88
CA GLY A 224 -9.74 14.04 3.02
C GLY A 224 -8.42 14.76 2.83
N TYR A 225 -7.71 14.93 3.93
CA TYR A 225 -6.41 15.62 3.95
C TYR A 225 -5.31 15.00 3.10
N TYR A 226 -4.51 15.84 2.47
CA TYR A 226 -3.41 15.36 1.64
C TYR A 226 -2.35 16.46 1.44
N GLY A 227 -2.24 17.33 2.44
CA GLY A 227 -1.29 18.41 2.35
C GLY A 227 0.05 18.19 3.04
N TRP A 228 0.94 19.16 2.88
CA TRP A 228 2.26 19.10 3.49
C TRP A 228 2.37 20.11 4.62
N LEU A 229 3.19 19.79 5.62
CA LEU A 229 3.42 20.68 6.75
C LEU A 229 4.92 20.79 6.94
N PRO A 230 5.42 22.00 7.27
CA PRO A 230 6.85 22.25 7.48
C PRO A 230 7.37 21.53 8.70
N LYS A 231 8.66 21.17 8.67
CA LYS A 231 9.25 20.50 9.81
C LYS A 231 9.19 21.54 10.92
N GLU A 232 9.13 22.80 10.54
CA GLU A 232 9.05 23.91 11.49
C GLU A 232 7.60 24.06 11.96
N GLY A 233 7.31 23.50 13.12
CA GLY A 233 5.97 23.59 13.65
C GLY A 233 5.46 22.20 13.95
N THR A 234 6.24 21.21 13.52
CA THR A 234 5.89 19.82 13.73
C THR A 234 7.06 19.06 14.35
N VAL A 235 8.07 18.76 13.54
CA VAL A 235 9.23 18.04 14.04
C VAL A 235 10.04 18.98 14.91
N GLU A 236 10.24 20.19 14.40
CA GLU A 236 11.01 21.21 15.09
C GLU A 236 10.10 22.33 15.55
N PRO A 237 10.49 23.02 16.63
CA PRO A 237 9.66 24.11 17.15
C PRO A 237 9.66 25.33 16.24
N LEU A 238 8.55 26.08 16.25
CA LEU A 238 8.46 27.29 15.47
C LEU A 238 9.26 28.33 16.25
N PRO A 239 9.61 29.47 15.62
CA PRO A 239 10.37 30.50 16.33
C PRO A 239 9.84 30.75 17.74
N ASN A 240 8.53 30.98 17.86
CA ASN A 240 7.92 31.21 19.16
C ASN A 240 7.96 29.98 20.05
N GLY A 241 8.87 29.06 19.75
CA GLY A 241 9.00 27.85 20.54
C GLY A 241 7.78 26.95 20.58
N LYS A 242 6.71 27.34 19.89
CA LYS A 242 5.49 26.54 19.87
C LYS A 242 5.38 25.66 18.61
N ARG A 243 4.36 24.80 18.58
CA ARG A 243 4.14 23.90 17.45
C ARG A 243 2.71 23.91 16.92
N LEU A 244 2.55 23.46 15.68
CA LEU A 244 1.23 23.38 15.07
C LEU A 244 0.54 22.15 15.63
N PRO A 245 -0.70 22.29 16.10
CA PRO A 245 -1.40 21.13 16.64
C PRO A 245 -1.59 20.02 15.58
N THR A 246 -1.69 18.77 16.03
CA THR A 246 -1.84 17.65 15.13
C THR A 246 -3.07 17.72 14.24
N ASP A 247 -4.00 18.60 14.59
CA ASP A 247 -5.20 18.74 13.79
C ASP A 247 -5.14 19.97 12.89
N PHE A 248 -3.96 20.55 12.77
CA PHE A 248 -3.79 21.74 11.94
C PHE A 248 -4.07 21.41 10.49
N ASN A 249 -4.56 22.39 9.76
CA ASN A 249 -4.90 22.22 8.36
C ASN A 249 -4.55 23.51 7.63
N GLU A 250 -3.55 23.45 6.77
CA GLU A 250 -3.14 24.64 6.04
C GLU A 250 -3.72 24.71 4.66
N GLY A 251 -4.91 24.15 4.47
CA GLY A 251 -5.54 24.18 3.16
C GLY A 251 -6.76 25.07 3.12
N ALA A 252 -7.15 25.46 1.90
CA ALA A 252 -8.30 26.31 1.72
C ALA A 252 -9.55 25.67 2.27
N LYS A 253 -10.39 26.48 2.91
CA LYS A 253 -11.65 26.02 3.49
C LYS A 253 -12.41 25.22 2.45
N ASN A 254 -12.28 25.63 1.20
CA ASN A 254 -12.98 24.99 0.10
C ASN A 254 -12.15 23.95 -0.66
N ASN A 255 -11.19 23.34 0.03
CA ASN A 255 -10.37 22.32 -0.59
C ASN A 255 -11.28 21.10 -0.81
N THR A 256 -11.21 20.48 -1.99
CA THR A 256 -12.03 19.30 -2.24
C THR A 256 -11.18 18.24 -2.93
N TYR A 257 -11.48 16.97 -2.68
CA TYR A 257 -10.71 15.87 -3.27
C TYR A 257 -11.64 14.65 -3.41
N SER A 258 -11.87 14.20 -4.64
CA SER A 258 -12.74 13.04 -4.86
C SER A 258 -12.08 12.02 -5.78
N ARG A 259 -12.65 10.82 -5.81
CA ARG A 259 -12.15 9.74 -6.68
C ARG A 259 -13.27 8.77 -6.96
N ASN A 260 -13.35 8.32 -8.20
CA ASN A 260 -14.38 7.38 -8.60
C ASN A 260 -13.75 6.11 -9.18
N GLU A 261 -14.25 4.95 -8.78
CA GLU A 261 -13.68 3.69 -9.25
C GLU A 261 -14.73 2.70 -9.73
N LYS A 262 -14.45 2.09 -10.89
CA LYS A 262 -15.35 1.08 -11.47
C LYS A 262 -14.51 0.03 -12.19
N VAL A 264 -14.62 -4.31 -13.56
CA VAL A 264 -15.33 -5.58 -13.74
C VAL A 264 -14.34 -6.57 -14.30
N GLY A 265 -14.42 -7.82 -13.87
CA GLY A 265 -13.48 -8.81 -14.34
C GLY A 265 -13.80 -10.21 -13.85
N TYR A 266 -12.80 -11.09 -13.87
CA TYR A 266 -13.01 -12.46 -13.44
C TYR A 266 -11.73 -13.21 -13.20
N SER A 267 -11.84 -14.24 -12.39
CA SER A 267 -10.73 -15.13 -12.08
C SER A 267 -11.28 -16.47 -12.54
N PHE A 268 -10.56 -17.13 -13.44
CA PHE A 268 -11.02 -18.41 -13.97
C PHE A 268 -9.98 -19.49 -13.89
N ASP A 269 -10.46 -20.72 -13.77
CA ASP A 269 -9.57 -21.87 -13.72
C ASP A 269 -10.31 -23.12 -14.13
N HIS A 270 -9.59 -24.02 -14.77
CA HIS A 270 -10.16 -25.27 -15.22
C HIS A 270 -9.06 -26.31 -15.17
N GLU A 271 -9.43 -27.50 -14.70
CA GLU A 271 -8.52 -28.61 -14.64
C GLU A 271 -8.94 -29.60 -15.72
N PHE A 272 -8.11 -29.74 -16.75
CA PHE A 272 -8.41 -30.65 -17.85
C PHE A 272 -8.18 -32.11 -17.45
N ASN A 273 -6.98 -32.39 -16.97
CA ASN A 273 -6.63 -33.75 -16.58
C ASN A 273 -5.74 -33.77 -15.34
N ASP A 274 -4.93 -34.81 -15.23
CA ASP A 274 -4.03 -35.01 -14.10
C ASP A 274 -2.74 -34.22 -14.21
N THR A 275 -2.49 -33.61 -15.37
CA THR A 275 -1.25 -32.87 -15.53
C THR A 275 -1.39 -31.42 -16.00
N PHE A 276 -2.56 -31.07 -16.55
CA PHE A 276 -2.79 -29.71 -17.04
C PHE A 276 -3.97 -28.96 -16.42
N THR A 277 -3.69 -27.75 -15.92
CA THR A 277 -4.71 -26.91 -15.33
C THR A 277 -4.52 -25.52 -15.91
N VAL A 278 -5.60 -24.89 -16.34
CA VAL A 278 -5.48 -23.55 -16.90
C VAL A 278 -6.16 -22.54 -15.99
N ARG A 279 -5.61 -21.35 -15.92
CA ARG A 279 -6.21 -20.29 -15.13
C ARG A 279 -5.99 -18.94 -15.78
N GLN A 280 -7.06 -18.16 -15.88
CA GLN A 280 -6.97 -16.84 -16.47
C GLN A 280 -7.60 -15.79 -15.58
N ASN A 281 -6.87 -14.70 -15.34
CA ASN A 281 -7.36 -13.61 -14.51
C ASN A 281 -7.49 -12.37 -15.37
N LEU A 282 -8.68 -11.82 -15.46
CA LEU A 282 -8.92 -10.64 -16.29
C LEU A 282 -9.70 -9.55 -15.57
N ARG A 283 -9.29 -8.32 -15.79
CA ARG A 283 -10.00 -7.20 -15.18
C ARG A 283 -9.88 -5.96 -16.04
N PHE A 284 -10.95 -5.18 -16.06
CA PHE A 284 -10.99 -3.93 -16.80
C PHE A 284 -11.53 -2.87 -15.85
N ALA A 285 -10.90 -1.72 -15.80
CA ALA A 285 -11.36 -0.67 -14.90
C ALA A 285 -11.27 0.74 -15.45
N GLU A 286 -12.17 1.59 -14.98
CA GLU A 286 -12.16 2.98 -15.37
C GLU A 286 -12.27 3.70 -14.05
N ASN A 287 -11.27 4.51 -13.76
CA ASN A 287 -11.25 5.25 -12.51
C ASN A 287 -11.03 6.74 -12.75
N LYS A 288 -11.63 7.55 -11.88
CA LYS A 288 -11.51 9.00 -11.99
C LYS A 288 -11.18 9.63 -10.65
N THR A 289 -10.59 10.81 -10.71
CA THR A 289 -10.25 11.59 -9.53
C THR A 289 -10.13 13.05 -9.96
N SER A 290 -10.61 13.95 -9.11
CA SER A 290 -10.53 15.39 -9.39
C SER A 290 -10.26 16.08 -8.07
N GLN A 291 -9.67 17.28 -8.12
CA GLN A 291 -9.37 17.99 -6.88
C GLN A 291 -9.09 19.49 -7.01
N ASN A 292 -9.40 20.19 -5.92
CA ASN A 292 -9.17 21.63 -5.75
C ASN A 292 -8.37 21.60 -4.46
N SER A 293 -7.06 21.70 -4.59
CA SER A 293 -6.19 21.60 -3.44
C SER A 293 -5.14 22.67 -3.20
N VAL A 294 -5.17 23.23 -2.00
CA VAL A 294 -4.18 24.20 -1.59
C VAL A 294 -3.37 23.43 -0.57
N TYR A 295 -2.08 23.24 -0.85
CA TYR A 295 -1.19 22.51 0.03
C TYR A 295 -0.07 23.41 0.49
N GLY A 296 0.56 23.03 1.57
CA GLY A 296 1.62 23.86 2.05
C GLY A 296 2.92 23.55 1.37
N TYR A 297 3.72 24.57 1.13
CA TYR A 297 5.06 24.25 0.71
C TYR A 297 5.75 24.40 2.09
N GLY A 298 6.87 25.07 2.20
CA GLY A 298 7.34 25.09 3.59
C GLY A 298 7.22 26.48 4.21
N VAL A 299 7.95 26.83 5.29
CA VAL A 299 7.90 28.20 5.83
C VAL A 299 8.73 29.08 4.90
N CYS A 300 8.33 30.34 4.85
CA CYS A 300 8.95 31.36 4.00
C CYS A 300 10.47 31.49 4.08
N SER A 301 11.09 30.81 5.04
CA SER A 301 12.53 30.88 5.16
C SER A 301 13.15 29.57 4.68
N ASP A 302 12.31 28.70 4.11
CA ASP A 302 12.78 27.40 3.62
C ASP A 302 13.44 27.56 2.26
N PRO A 303 14.60 26.95 2.07
CA PRO A 303 15.32 27.06 0.80
C PRO A 303 14.38 27.01 -0.39
N ALA A 304 13.34 26.19 -0.27
CA ALA A 304 12.35 26.03 -1.33
C ALA A 304 11.71 27.35 -1.75
N ASN A 305 11.39 28.20 -0.79
CA ASN A 305 10.75 29.48 -1.08
C ASN A 305 11.72 30.63 -1.37
N ALA A 306 12.97 30.28 -1.63
CA ALA A 306 14.00 31.28 -1.92
C ALA A 306 13.53 32.30 -2.94
N TYR A 307 12.96 31.82 -4.04
CA TYR A 307 12.50 32.72 -5.09
C TYR A 307 11.07 33.21 -4.94
N SER A 308 10.54 33.22 -3.73
CA SER A 308 9.17 33.68 -3.54
C SER A 308 9.08 35.11 -3.08
N LYS A 309 8.38 35.93 -3.86
CA LYS A 309 8.21 37.33 -3.54
C LYS A 309 7.46 37.54 -2.23
N GLN A 310 6.22 37.05 -2.15
CA GLN A 310 5.43 37.20 -0.93
C GLN A 310 6.28 36.98 0.30
N CYS A 311 7.23 36.04 0.18
CA CYS A 311 8.14 35.70 1.26
C CYS A 311 9.21 36.76 1.48
N ALA A 312 9.88 37.14 0.39
CA ALA A 312 10.94 38.14 0.44
C ALA A 312 10.42 39.49 0.93
N ALA A 313 9.11 39.64 0.99
CA ALA A 313 8.50 40.88 1.46
C ALA A 313 8.20 40.81 2.95
N LEU A 314 9.02 40.04 3.67
CA LEU A 314 8.86 39.88 5.11
C LEU A 314 10.20 40.09 5.81
N ALA A 315 10.18 40.71 6.98
CA ALA A 315 11.40 40.96 7.75
C ALA A 315 12.17 39.67 7.94
N PRO A 316 13.44 39.65 7.51
CA PRO A 316 14.35 38.50 7.58
C PRO A 316 14.16 37.52 8.74
N ALA A 317 13.68 38.01 9.88
CA ALA A 317 13.47 37.15 11.04
C ALA A 317 12.06 36.57 11.10
N ASP A 318 11.16 37.12 10.29
CA ASP A 318 9.79 36.66 10.26
C ASP A 318 9.53 35.66 9.15
N LYS A 319 10.54 35.43 8.31
CA LYS A 319 10.42 34.49 7.20
C LYS A 319 10.27 33.07 7.74
N GLY A 320 10.54 32.90 9.03
CA GLY A 320 10.47 31.58 9.63
C GLY A 320 9.21 31.18 10.39
N HIS A 321 8.14 31.95 10.29
CA HIS A 321 6.90 31.62 10.98
C HIS A 321 5.69 31.95 10.10
N TYR A 322 5.97 32.07 8.81
CA TYR A 322 4.95 32.33 7.79
C TYR A 322 5.05 31.14 6.84
N LEU A 323 3.91 30.62 6.42
CA LEU A 323 3.89 29.46 5.54
C LEU A 323 3.60 29.73 4.08
N ALA A 324 4.49 29.25 3.20
CA ALA A 324 4.32 29.41 1.77
C ALA A 324 3.34 28.31 1.33
N ARG A 325 2.48 28.61 0.35
CA ARG A 325 1.52 27.63 -0.12
C ARG A 325 1.34 27.70 -1.63
N LYS A 326 0.87 26.60 -2.20
CA LYS A 326 0.61 26.50 -3.64
C LYS A 326 -0.70 25.77 -3.80
N TYR A 327 -1.08 25.48 -5.03
CA TYR A 327 -2.32 24.75 -5.22
C TYR A 327 -2.29 23.88 -6.45
N VAL A 328 -3.39 23.15 -6.65
CA VAL A 328 -3.49 22.29 -7.81
C VAL A 328 -4.96 21.93 -8.02
N VAL A 329 -5.41 22.06 -9.27
CA VAL A 329 -6.78 21.69 -9.63
C VAL A 329 -6.52 20.53 -10.55
N ASP A 330 -7.15 19.39 -10.25
CA ASP A 330 -6.92 18.21 -11.06
C ASP A 330 -8.19 17.55 -11.48
N ASP A 331 -8.10 16.80 -12.57
CA ASP A 331 -9.23 16.05 -13.12
C ASP A 331 -8.63 15.04 -14.07
N GLU A 332 -8.73 13.77 -13.71
CA GLU A 332 -8.17 12.70 -14.53
C GLU A 332 -9.15 11.56 -14.74
N LYS A 333 -8.84 10.70 -15.70
CA LYS A 333 -9.69 9.56 -16.00
C LYS A 333 -8.89 8.52 -16.74
N LEU A 334 -8.78 7.32 -16.17
CA LEU A 334 -8.04 6.27 -16.84
C LEU A 334 -8.79 4.98 -16.94
N GLN A 335 -8.40 4.19 -17.94
CA GLN A 335 -8.99 2.89 -18.17
C GLN A 335 -7.82 1.94 -18.03
N ASN A 336 -8.06 0.80 -17.40
CA ASN A 336 -7.01 -0.17 -17.22
C ASN A 336 -7.49 -1.58 -17.54
N PHE A 337 -6.92 -2.17 -18.57
CA PHE A 337 -7.29 -3.53 -18.94
C PHE A 337 -6.14 -4.46 -18.61
N SER A 338 -6.45 -5.56 -17.93
CA SER A 338 -5.42 -6.51 -17.56
C SER A 338 -5.92 -7.95 -17.72
N VAL A 339 -5.04 -8.81 -18.23
CA VAL A 339 -5.35 -10.23 -18.39
C VAL A 339 -4.09 -11.05 -18.25
N ASP A 340 -4.18 -12.10 -17.46
CA ASP A 340 -3.07 -13.01 -17.24
C ASP A 340 -3.63 -14.40 -17.51
N THR A 341 -2.96 -15.11 -18.40
CA THR A 341 -3.37 -16.45 -18.76
C THR A 341 -2.18 -17.33 -18.48
N GLN A 342 -2.43 -18.45 -17.83
CA GLN A 342 -1.34 -19.34 -17.48
C GLN A 342 -1.69 -20.83 -17.45
N LEU A 343 -0.74 -21.64 -17.92
CA LEU A 343 -0.89 -23.09 -17.95
C LEU A 343 0.02 -23.68 -16.90
N GLN A 344 -0.55 -24.60 -16.11
CA GLN A 344 0.17 -25.25 -15.03
C GLN A 344 0.33 -26.71 -15.41
N SER A 345 1.57 -27.11 -15.69
CA SER A 345 1.87 -28.49 -16.09
C SER A 345 2.48 -29.25 -14.93
N LYS A 346 1.79 -30.32 -14.53
CA LYS A 346 2.24 -31.15 -13.41
C LYS A 346 2.70 -32.50 -13.95
N PHE A 347 3.98 -32.81 -13.76
CA PHE A 347 4.50 -34.09 -14.22
C PHE A 347 5.77 -34.44 -13.45
N ALA A 348 6.25 -35.66 -13.64
CA ALA A 348 7.45 -36.09 -12.94
C ALA A 348 8.59 -36.49 -13.88
N THR A 349 9.76 -36.65 -13.28
CA THR A 349 10.96 -37.04 -14.00
C THR A 349 11.84 -37.81 -13.03
N GLY A 350 11.44 -39.05 -12.79
CA GLY A 350 12.17 -39.92 -11.90
C GLY A 350 12.53 -39.29 -10.57
N ASP A 351 11.61 -39.36 -9.62
CA ASP A 351 11.81 -38.79 -8.29
C ASP A 351 11.74 -37.28 -8.31
N ILE A 352 11.74 -36.69 -9.50
CA ILE A 352 11.67 -35.25 -9.62
C ILE A 352 10.26 -34.85 -10.01
N ASP A 353 9.50 -34.36 -9.04
CA ASP A 353 8.13 -33.94 -9.31
C ASP A 353 8.17 -32.49 -9.76
N HIS A 354 7.69 -32.25 -10.98
CA HIS A 354 7.67 -30.90 -11.54
C HIS A 354 6.33 -30.21 -11.46
N THR A 355 6.39 -28.89 -11.39
CA THR A 355 5.22 -28.02 -11.36
C THR A 355 5.62 -26.88 -12.26
N LEU A 356 5.41 -27.07 -13.56
CA LEU A 356 5.79 -26.07 -14.55
C LEU A 356 4.70 -25.07 -14.86
N LEU A 357 5.03 -23.79 -14.71
CA LEU A 357 4.10 -22.71 -14.98
C LEU A 357 4.59 -21.94 -16.19
N THR A 358 3.71 -21.79 -17.17
CA THR A 358 4.04 -21.06 -18.40
C THR A 358 2.84 -20.18 -18.71
N GLY A 359 3.06 -18.88 -18.87
CA GLY A 359 1.95 -17.99 -19.18
C GLY A 359 2.32 -16.63 -19.74
N VAL A 360 1.33 -15.93 -20.30
CA VAL A 360 1.54 -14.59 -20.85
C VAL A 360 0.67 -13.61 -20.09
N ASP A 361 1.25 -12.45 -19.80
CA ASP A 361 0.59 -11.39 -19.05
C ASP A 361 0.48 -10.12 -19.91
N PHE A 362 -0.70 -9.55 -19.95
CA PHE A 362 -0.91 -8.33 -20.75
C PHE A 362 -1.70 -7.27 -19.98
N ARG A 364 -2.88 -2.74 -20.41
CA ARG A 364 -2.84 -1.47 -21.12
C ARG A 364 -3.53 -0.50 -20.20
N ARG A 366 -4.44 3.76 -19.87
CA ARG A 366 -4.50 5.06 -20.51
C ARG A 366 -5.01 6.00 -19.44
N ASN A 367 -4.33 7.12 -19.22
CA ASN A 367 -4.77 8.09 -18.23
C ASN A 367 -4.67 9.49 -18.78
N ASP A 368 -5.82 10.16 -18.89
CA ASP A 368 -5.88 11.52 -19.40
C ASP A 368 -5.90 12.49 -18.22
N ILE A 369 -4.92 13.39 -18.19
CA ILE A 369 -4.79 14.36 -17.11
C ILE A 369 -4.96 15.80 -17.60
N ASN A 370 -5.80 16.54 -16.89
CA ASN A 370 -6.08 17.94 -17.21
C ASN A 370 -6.09 18.70 -15.88
N ALA A 371 -4.95 19.26 -15.50
CA ALA A 371 -4.86 19.97 -14.23
C ALA A 371 -4.17 21.31 -14.33
N TRP A 372 -4.25 22.06 -13.24
CA TRP A 372 -3.63 23.37 -13.14
C TRP A 372 -2.85 23.47 -11.84
N PHE A 373 -1.55 23.81 -11.95
CA PHE A 373 -0.66 23.94 -10.80
C PHE A 373 -0.22 25.37 -10.51
N GLY A 374 -0.49 25.84 -9.30
CA GLY A 374 -0.06 27.16 -8.90
C GLY A 374 1.39 27.12 -8.47
N TYR A 375 2.18 28.10 -8.93
CA TYR A 375 3.59 28.17 -8.59
C TYR A 375 3.77 29.11 -7.39
N ASP A 376 4.96 29.70 -7.25
CA ASP A 376 5.19 30.61 -6.13
C ASP A 376 4.18 31.76 -6.09
N ASP A 377 3.92 32.25 -4.88
CA ASP A 377 2.97 33.34 -4.68
C ASP A 377 1.62 33.10 -5.34
N SER A 378 1.35 31.84 -5.69
CA SER A 378 0.08 31.49 -6.33
C SER A 378 -1.08 31.61 -5.36
N VAL A 379 -0.79 31.53 -4.07
CA VAL A 379 -1.81 31.61 -3.05
C VAL A 379 -1.26 32.34 -1.83
N PRO A 380 -2.13 33.07 -1.12
CA PRO A 380 -1.74 33.82 0.08
C PRO A 380 -0.87 33.01 1.01
N LEU A 381 -0.16 33.68 1.90
CA LEU A 381 0.67 32.99 2.87
C LEU A 381 -0.20 32.79 4.10
N LEU A 382 0.31 32.02 5.06
CA LEU A 382 -0.41 31.74 6.30
C LEU A 382 0.52 32.01 7.47
N ASN A 383 0.02 32.67 8.49
CA ASN A 383 0.85 32.92 9.66
C ASN A 383 0.70 31.69 10.54
N LEU A 384 1.82 31.23 11.10
CA LEU A 384 1.80 30.03 11.94
C LEU A 384 1.85 30.36 13.43
N TYR A 385 1.85 31.64 13.76
CA TYR A 385 1.91 32.05 15.14
C TYR A 385 0.61 31.80 15.92
N ASN A 386 -0.52 32.19 15.34
CA ASN A 386 -1.79 32.01 16.03
C ASN A 386 -1.94 30.61 16.64
N PRO A 387 -1.43 29.57 15.98
CA PRO A 387 -1.53 28.22 16.55
C PRO A 387 -0.80 28.13 17.90
N SER A 388 -1.55 28.41 18.96
CA SER A 388 -1.04 28.39 20.33
C SER A 388 -1.89 27.49 21.20
N HIS A 389 -1.87 27.75 22.50
CA HIS A 389 -2.64 26.97 23.45
C HIS A 389 -4.12 26.93 23.17
N HIS A 390 -4.73 28.05 22.76
CA HIS A 390 -6.19 28.12 22.47
C HIS A 390 -6.58 27.23 21.31
N HIS A 391 -5.68 27.15 20.34
CA HIS A 391 -5.85 26.11 19.34
C HIS A 391 -5.29 24.99 20.32
N HIS A 392 -5.36 23.67 20.11
CA HIS A 392 -4.98 22.71 21.21
C HIS A 392 -6.22 22.70 22.16
N HIS A 393 -7.33 23.25 21.66
CA HIS A 393 -8.68 23.35 22.27
C HIS A 393 -9.39 23.32 20.89
N HIS A 394 -8.53 23.02 19.97
CA HIS A 394 -8.57 22.96 18.51
C HIS A 394 -9.24 22.53 17.17
N GLY A 395 -8.49 23.28 16.34
CA GLY A 395 -8.51 23.34 14.92
C GLY A 395 -8.46 24.77 14.45
N SER A 396 -9.54 25.16 13.77
CA SER A 396 -9.82 26.49 13.21
C SER A 396 -9.59 26.51 11.73
N VAL A 397 -10.66 26.28 10.97
CA VAL A 397 -10.62 26.24 9.52
C VAL A 397 -10.07 27.57 9.00
N ASN A 398 -9.88 27.68 7.69
CA ASN A 398 -9.37 28.90 7.08
C ASN A 398 -10.39 29.49 6.11
N THR A 399 -9.90 30.10 5.02
CA THR A 399 -10.79 30.73 4.05
C THR A 399 -10.71 30.15 2.66
N ASP A 400 -11.77 30.35 1.88
CA ASP A 400 -11.80 29.84 0.52
C ASP A 400 -10.62 30.38 -0.31
N PHE A 401 -10.52 29.90 -1.53
CA PHE A 401 -9.45 30.31 -2.44
C PHE A 401 -10.06 30.20 -3.82
N ASP A 402 -9.67 31.09 -4.72
CA ASP A 402 -10.22 31.05 -6.07
C ASP A 402 -9.45 30.07 -6.93
N PHE A 403 -9.93 28.84 -6.97
CA PHE A 403 -9.31 27.82 -7.78
C PHE A 403 -9.60 28.17 -9.23
N ASN A 404 -10.65 28.96 -9.44
CA ASN A 404 -11.01 29.40 -10.77
C ASN A 404 -10.07 30.53 -11.15
N ALA A 405 -10.20 31.04 -12.36
CA ALA A 405 -9.35 32.14 -12.81
C ALA A 405 -7.93 31.93 -12.34
N LYS A 406 -7.20 31.09 -13.06
CA LYS A 406 -5.83 30.80 -12.72
C LYS A 406 -4.96 31.87 -13.37
N ASP A 407 -4.35 32.70 -12.55
CA ASP A 407 -3.48 33.78 -13.03
C ASP A 407 -2.31 33.20 -13.83
N PRO A 408 -2.17 33.62 -15.10
CA PRO A 408 -1.08 33.14 -15.96
C PRO A 408 0.30 33.45 -15.41
N ALA A 409 0.35 34.26 -14.36
CA ALA A 409 1.62 34.64 -13.76
C ALA A 409 2.12 33.62 -12.75
N ASN A 410 1.34 33.41 -11.69
CA ASN A 410 1.69 32.49 -10.64
C ASN A 410 1.37 31.03 -10.90
N SER A 411 0.55 30.76 -11.92
CA SER A 411 0.19 29.37 -12.20
C SER A 411 0.30 28.99 -13.66
N GLY A 412 0.21 27.70 -13.91
CA GLY A 412 0.29 27.19 -15.27
C GLY A 412 -0.48 25.89 -15.44
N PRO A 413 -0.99 25.63 -16.63
CA PRO A 413 -1.75 24.41 -16.89
C PRO A 413 -0.84 23.20 -17.08
N TYR A 414 -1.34 22.03 -16.73
CA TYR A 414 -0.60 20.79 -16.88
C TYR A 414 -1.61 19.81 -17.46
N ARG A 415 -1.40 19.43 -18.72
CA ARG A 415 -2.31 18.51 -19.40
C ARG A 415 -1.52 17.48 -20.16
N ILE A 416 -1.62 16.23 -19.70
CA ILE A 416 -0.87 15.15 -20.30
C ILE A 416 -1.75 13.93 -20.55
N LEU A 417 -1.36 13.12 -21.53
CA LEU A 417 -2.07 11.87 -21.82
C LEU A 417 -1.04 10.75 -21.76
N ASN A 418 -1.10 9.97 -20.69
CA ASN A 418 -0.16 8.88 -20.53
C ASN A 418 -0.75 7.56 -21.00
N LYS A 419 0.06 6.80 -21.72
CA LYS A 419 -0.36 5.51 -22.20
C LYS A 419 0.69 4.53 -21.69
N GLN A 420 0.28 3.29 -21.47
CA GLN A 420 1.18 2.27 -21.00
C GLN A 420 0.73 0.91 -21.48
N LYS A 421 1.69 0.06 -21.83
CA LYS A 421 1.42 -1.30 -22.31
C LYS A 421 2.55 -2.20 -21.85
N GLN A 422 2.20 -3.40 -21.41
CA GLN A 422 3.19 -4.38 -20.99
C GLN A 422 2.70 -5.74 -21.35
N THR A 423 3.57 -6.53 -21.97
CA THR A 423 3.25 -7.88 -22.36
C THR A 423 4.37 -8.75 -21.84
N GLY A 424 4.04 -9.82 -21.14
CA GLY A 424 5.09 -10.67 -20.62
C GLY A 424 4.88 -12.14 -20.85
N VAL A 425 5.99 -12.87 -20.95
CA VAL A 425 5.96 -14.31 -21.12
C VAL A 425 6.88 -14.82 -20.04
N TYR A 426 6.35 -15.62 -19.15
CA TYR A 426 7.16 -16.14 -18.06
C TYR A 426 7.08 -17.66 -17.98
N VAL A 427 8.15 -18.26 -17.51
CA VAL A 427 8.20 -19.69 -17.37
C VAL A 427 8.86 -19.99 -16.05
N GLN A 428 8.18 -20.78 -15.24
CA GLN A 428 8.70 -21.14 -13.94
C GLN A 428 8.38 -22.60 -13.65
N ASP A 429 9.27 -23.24 -12.90
CA ASP A 429 9.07 -24.62 -12.53
C ASP A 429 9.31 -24.77 -11.05
N GLN A 430 8.49 -25.60 -10.43
CA GLN A 430 8.62 -25.88 -9.01
C GLN A 430 8.91 -27.37 -8.92
N ALA A 431 10.19 -27.71 -8.96
CA ALA A 431 10.61 -29.10 -8.89
C ALA A 431 10.99 -29.48 -7.47
N GLN A 432 10.40 -30.56 -6.96
CA GLN A 432 10.74 -31.01 -5.63
C GLN A 432 11.37 -32.39 -5.72
N TRP A 433 12.59 -32.49 -5.20
CA TRP A 433 13.32 -33.74 -5.23
C TRP A 433 13.39 -34.27 -3.80
N ASP A 434 12.23 -34.39 -3.17
CA ASP A 434 12.12 -34.89 -1.80
C ASP A 434 12.93 -34.05 -0.83
N LYS A 435 12.24 -33.28 -0.01
CA LYS A 435 12.89 -32.42 0.98
C LYS A 435 13.75 -31.32 0.34
N VAL A 436 13.91 -31.41 -0.98
CA VAL A 436 14.69 -30.43 -1.70
C VAL A 436 13.81 -29.82 -2.78
N LEU A 437 13.19 -28.68 -2.45
CA LEU A 437 12.34 -28.00 -3.41
C LEU A 437 13.19 -26.93 -4.06
N VAL A 438 13.19 -26.92 -5.38
CA VAL A 438 13.96 -25.95 -6.13
C VAL A 438 13.05 -25.18 -7.06
N THR A 439 13.02 -23.86 -6.87
CA THR A 439 12.21 -23.01 -7.70
C THR A 439 13.15 -22.20 -8.58
N LEU A 440 12.79 -22.08 -9.85
CA LEU A 440 13.59 -21.34 -10.80
C LEU A 440 12.66 -20.93 -11.91
N GLY A 441 12.94 -19.79 -12.52
CA GLY A 441 12.09 -19.31 -13.61
C GLY A 441 12.50 -17.93 -14.07
N GLY A 442 11.87 -17.49 -15.16
CA GLY A 442 12.18 -16.18 -15.71
C GLY A 442 11.02 -15.62 -16.52
N ARG A 443 11.18 -14.37 -16.95
CA ARG A 443 10.15 -13.68 -17.71
C ARG A 443 10.75 -12.61 -18.62
N TYR A 444 10.11 -12.42 -19.78
CA TYR A 444 10.55 -11.42 -20.73
C TYR A 444 9.37 -10.48 -20.90
N ASP A 445 9.65 -9.19 -20.75
CA ASP A 445 8.62 -8.16 -20.84
C ASP A 445 8.79 -7.16 -21.96
N TRP A 446 7.66 -6.72 -22.49
CA TRP A 446 7.61 -5.72 -23.55
C TRP A 446 6.91 -4.53 -22.92
N ALA A 447 7.71 -3.64 -22.35
CA ALA A 447 7.20 -2.45 -21.69
C ALA A 447 7.18 -1.25 -22.59
N ASP A 448 6.02 -0.93 -23.15
CA ASP A 448 5.91 0.22 -24.05
C ASP A 448 5.10 1.36 -23.46
N GLN A 449 5.61 2.58 -23.62
CA GLN A 449 4.91 3.75 -23.11
C GLN A 449 4.89 4.93 -24.09
N GLU A 450 3.99 5.87 -23.85
CA GLU A 450 3.86 7.03 -24.72
C GLU A 450 3.11 8.13 -23.97
N SER A 451 3.72 9.31 -23.88
CA SER A 451 3.11 10.43 -23.19
C SER A 451 2.96 11.63 -24.11
N LEU A 452 1.77 12.21 -24.10
CA LEU A 452 1.47 13.38 -24.91
C LEU A 452 1.24 14.56 -24.00
N ASN A 453 1.95 15.65 -24.26
CA ASN A 453 1.78 16.87 -23.48
C ASN A 453 0.86 17.76 -24.31
N ARG A 454 -0.43 17.73 -24.00
CA ARG A 454 -1.41 18.52 -24.74
C ARG A 454 -1.07 20.01 -24.90
N VAL A 455 0.00 20.47 -24.26
CA VAL A 455 0.37 21.86 -24.40
C VAL A 455 1.66 22.02 -25.20
N ALA A 456 2.72 21.32 -24.80
CA ALA A 456 3.97 21.40 -25.53
C ALA A 456 3.84 20.60 -26.82
N GLY A 457 2.69 19.98 -27.00
CA GLY A 457 2.45 19.20 -28.18
C GLY A 457 3.49 18.12 -28.36
N THR A 458 4.28 17.85 -27.33
CA THR A 458 5.32 16.82 -27.44
C THR A 458 4.74 15.44 -27.25
N THR A 459 5.46 14.44 -27.72
CA THR A 459 5.03 13.07 -27.57
C THR A 459 6.23 12.18 -27.32
N ASP A 460 6.49 11.90 -26.06
CA ASP A 460 7.61 11.06 -25.66
C ASP A 460 7.14 9.63 -25.62
N LYS A 461 7.97 8.73 -26.11
CA LYS A 461 7.62 7.31 -26.15
C LYS A 461 8.88 6.50 -25.95
N ARG A 462 8.70 5.29 -25.43
CA ARG A 462 9.82 4.38 -25.25
C ARG A 462 9.30 2.96 -25.10
N ASP A 463 9.99 2.03 -25.73
CA ASP A 463 9.62 0.62 -25.68
C ASP A 463 10.75 -0.19 -25.08
N ASP A 464 10.52 -0.69 -23.88
CA ASP A 464 11.53 -1.47 -23.19
C ASP A 464 11.28 -2.93 -23.34
N LYS A 465 12.36 -3.66 -23.56
CA LYS A 465 12.30 -5.10 -23.66
C LYS A 465 13.23 -5.46 -22.52
N GLN A 466 12.75 -6.30 -21.62
CA GLN A 466 13.54 -6.66 -20.46
C GLN A 466 13.30 -8.09 -20.04
N PHE A 467 14.35 -8.72 -19.54
CA PHE A 467 14.28 -10.09 -19.07
C PHE A 467 14.63 -10.12 -17.60
N THR A 468 13.94 -10.97 -16.86
CA THR A 468 14.20 -11.11 -15.44
C THR A 468 13.93 -12.55 -15.07
N TRP A 469 14.77 -13.10 -14.20
CA TRP A 469 14.61 -14.47 -13.76
C TRP A 469 14.86 -14.54 -12.27
N ARG A 470 14.46 -15.64 -11.66
CA ARG A 470 14.65 -15.81 -10.23
C ARG A 470 14.93 -17.27 -9.95
N GLY A 471 15.84 -17.51 -9.02
CA GLY A 471 16.20 -18.87 -8.66
C GLY A 471 16.31 -18.99 -7.17
N GLY A 472 15.70 -20.04 -6.61
CA GLY A 472 15.75 -20.24 -5.18
C GLY A 472 15.62 -21.69 -4.78
N VAL A 473 16.00 -21.99 -3.54
CA VAL A 473 15.92 -23.35 -3.04
C VAL A 473 15.43 -23.36 -1.60
N ASN A 474 14.52 -24.31 -1.32
CA ASN A 474 13.96 -24.47 0.01
C ASN A 474 14.15 -25.90 0.48
N TYR A 475 14.90 -26.09 1.56
CA TYR A 475 15.15 -27.41 2.11
C TYR A 475 14.04 -27.74 3.11
N LEU A 476 12.97 -28.31 2.59
CA LEU A 476 11.83 -28.67 3.40
C LEU A 476 12.16 -29.81 4.36
N PHE A 477 12.49 -29.48 5.60
CA PHE A 477 12.82 -30.51 6.58
C PHE A 477 11.59 -31.38 6.81
N ASP A 478 11.17 -31.48 8.07
CA ASP A 478 10.02 -32.28 8.43
C ASP A 478 9.59 -31.88 9.84
N ASN A 479 10.53 -31.29 10.56
CA ASN A 479 10.24 -30.83 11.90
C ASN A 479 9.61 -29.45 11.74
N GLY A 480 9.58 -28.98 10.49
CA GLY A 480 9.00 -27.69 10.19
C GLY A 480 9.97 -26.69 9.58
N VAL A 481 11.14 -26.54 10.19
CA VAL A 481 12.13 -25.60 9.68
C VAL A 481 12.34 -25.77 8.19
N THR A 482 12.32 -24.64 7.49
CA THR A 482 12.52 -24.68 6.05
C THR A 482 13.50 -23.63 5.64
N PRO A 483 14.80 -23.95 5.73
CA PRO A 483 15.86 -23.01 5.36
C PRO A 483 15.68 -22.71 3.89
N TYR A 484 16.07 -21.53 3.46
CA TYR A 484 15.93 -21.18 2.06
C TYR A 484 16.78 -19.99 1.71
N PHE A 485 17.01 -19.82 0.41
CA PHE A 485 17.79 -18.70 -0.10
C PHE A 485 17.39 -18.59 -1.56
N SER A 486 17.47 -17.39 -2.11
CA SER A 486 17.10 -17.20 -3.50
C SER A 486 17.68 -15.93 -4.06
N TYR A 487 17.72 -15.88 -5.39
CA TYR A 487 18.24 -14.73 -6.12
C TYR A 487 17.08 -14.22 -6.94
N SER A 488 16.87 -12.91 -6.94
CA SER A 488 15.76 -12.34 -7.69
C SER A 488 16.11 -11.04 -8.42
N GLU A 489 15.31 -10.70 -9.43
CA GLU A 489 15.53 -9.48 -10.23
C GLU A 489 14.22 -8.78 -10.57
N SER A 490 14.31 -7.47 -10.77
CA SER A 490 13.14 -6.65 -11.11
C SER A 490 13.60 -5.53 -12.01
N PHE A 491 12.67 -4.93 -12.74
CA PHE A 491 13.02 -3.81 -13.60
C PHE A 491 11.90 -2.79 -13.54
N GLU A 492 12.24 -1.51 -13.60
CA GLU A 492 11.24 -0.45 -13.56
C GLU A 492 11.54 0.68 -14.54
N PRO A 493 10.72 0.80 -15.59
CA PRO A 493 10.87 1.83 -16.63
C PRO A 493 10.75 3.24 -16.05
N SER A 494 11.36 4.20 -16.74
CA SER A 494 11.29 5.57 -16.30
C SER A 494 10.36 6.30 -17.25
N SER A 495 9.74 7.36 -16.77
CA SER A 495 8.85 8.15 -17.59
C SER A 495 9.53 9.50 -17.78
N GLN A 496 10.66 9.68 -17.10
CA GLN A 496 11.41 10.93 -17.17
C GLN A 496 12.23 11.05 -18.44
N VAL A 497 12.44 12.28 -18.88
CA VAL A 497 13.19 12.51 -20.09
C VAL A 497 14.51 13.21 -19.76
N GLY A 498 15.59 12.73 -20.38
CA GLY A 498 16.89 13.31 -20.16
C GLY A 498 17.13 14.55 -20.99
N LYS A 499 18.30 15.14 -20.86
CA LYS A 499 18.63 16.36 -21.61
C LYS A 499 18.49 16.06 -23.10
N ASP A 500 18.84 14.83 -23.48
CA ASP A 500 18.75 14.41 -24.87
C ASP A 500 17.31 14.15 -25.31
N GLY A 501 16.35 14.83 -24.67
CA GLY A 501 14.95 14.65 -25.01
C GLY A 501 14.51 13.20 -25.18
N ASN A 502 15.04 12.30 -24.35
CA ASN A 502 14.68 10.89 -24.42
C ASN A 502 14.38 10.24 -23.07
N ILE A 503 13.40 9.34 -23.06
CA ILE A 503 13.03 8.65 -21.84
C ILE A 503 14.24 7.86 -21.38
N PHE A 504 14.53 7.93 -20.09
CA PHE A 504 15.67 7.20 -19.53
C PHE A 504 15.44 5.70 -19.63
N ALA A 505 16.52 4.94 -19.48
CA ALA A 505 16.43 3.50 -19.52
C ALA A 505 15.86 3.10 -18.16
N PRO A 506 15.34 1.88 -18.04
CA PRO A 506 14.77 1.40 -16.78
C PRO A 506 15.80 1.19 -15.69
N SER A 507 15.34 1.21 -14.44
CA SER A 507 16.23 0.96 -13.31
C SER A 507 16.06 -0.53 -13.06
N LYS A 508 16.91 -1.12 -12.25
CA LYS A 508 16.78 -2.55 -12.01
C LYS A 508 16.90 -2.97 -10.56
N GLY A 509 16.50 -4.21 -10.30
CA GLY A 509 16.56 -4.75 -8.96
C GLY A 509 17.32 -6.06 -8.92
N LYS A 510 18.23 -6.16 -7.95
CA LYS A 510 19.03 -7.36 -7.75
C LYS A 510 19.02 -7.63 -6.24
N GLN A 511 18.40 -8.73 -5.84
CA GLN A 511 18.36 -9.06 -4.42
C GLN A 511 18.86 -10.48 -4.13
N TYR A 512 19.66 -10.59 -3.08
CA TYR A 512 20.21 -11.85 -2.62
C TYR A 512 19.54 -12.03 -1.26
N GLU A 513 18.82 -13.13 -1.08
CA GLU A 513 18.15 -13.34 0.19
C GLU A 513 18.25 -14.78 0.70
N VAL A 514 18.42 -14.90 2.01
CA VAL A 514 18.49 -16.20 2.67
C VAL A 514 17.70 -16.05 3.96
N GLY A 515 17.07 -17.15 4.39
CA GLY A 515 16.32 -17.12 5.62
C GLY A 515 15.77 -18.48 5.91
N VAL A 516 15.03 -18.61 7.01
CA VAL A 516 14.43 -19.89 7.38
C VAL A 516 12.99 -19.65 7.75
N LYS A 517 12.15 -20.64 7.45
CA LYS A 517 10.74 -20.53 7.75
C LYS A 517 10.27 -21.71 8.56
N TYR A 518 9.50 -21.41 9.61
CA TYR A 518 8.96 -22.45 10.47
C TYR A 518 7.45 -22.52 10.26
N VAL A 519 7.00 -23.59 9.62
CA VAL A 519 5.59 -23.82 9.39
C VAL A 519 5.28 -25.24 9.84
N PRO A 520 5.41 -25.51 11.14
CA PRO A 520 5.15 -26.84 11.70
C PRO A 520 3.75 -27.31 11.35
N GLU A 521 3.65 -28.53 10.83
CA GLU A 521 2.38 -29.12 10.39
C GLU A 521 1.33 -29.32 11.47
N ASP A 522 1.76 -29.53 12.72
CA ASP A 522 0.85 -29.74 13.85
C ASP A 522 0.14 -28.47 14.33
N ARG A 523 0.82 -27.69 15.19
CA ARG A 523 0.25 -26.46 15.74
C ARG A 523 0.07 -25.39 14.66
N PRO A 524 -0.92 -24.50 14.82
CA PRO A 524 -1.24 -23.42 13.88
C PRO A 524 -0.36 -22.18 14.08
N ILE A 525 0.92 -22.31 13.77
CA ILE A 525 1.84 -21.20 13.96
C ILE A 525 2.83 -21.11 12.80
N VAL A 526 3.14 -19.88 12.41
CA VAL A 526 4.09 -19.64 11.33
C VAL A 526 5.13 -18.64 11.80
N VAL A 527 6.40 -18.97 11.62
CA VAL A 527 7.45 -18.05 12.02
C VAL A 527 8.53 -18.00 10.96
N THR A 528 8.68 -16.84 10.35
CA THR A 528 9.66 -16.68 9.31
C THR A 528 10.75 -15.72 9.72
N GLY A 529 11.89 -15.84 9.05
CA GLY A 529 13.02 -14.97 9.34
C GLY A 529 13.87 -14.87 8.09
N ALA A 530 14.38 -13.66 7.81
CA ALA A 530 15.19 -13.49 6.63
C ALA A 530 16.07 -12.25 6.70
N VAL A 531 17.18 -12.33 5.98
CA VAL A 531 18.14 -11.25 5.89
C VAL A 531 18.39 -11.16 4.40
N TYR A 532 18.53 -9.95 3.89
CA TYR A 532 18.70 -9.77 2.46
C TYR A 532 19.64 -8.67 2.05
N ASN A 533 19.91 -8.63 0.76
CA ASN A 533 20.75 -7.59 0.18
C ASN A 533 20.09 -7.20 -1.14
N LEU A 534 19.37 -6.09 -1.13
CA LEU A 534 18.65 -5.59 -2.30
C LEU A 534 19.34 -4.40 -2.95
N THR A 535 19.48 -4.44 -4.27
CA THR A 535 20.14 -3.35 -4.99
C THR A 535 19.36 -2.77 -6.16
N LYS A 536 19.20 -1.45 -6.15
CA LYS A 536 18.51 -0.75 -7.23
C LYS A 536 19.55 -0.02 -8.08
N THR A 537 19.82 -0.55 -9.27
CA THR A 537 20.84 0.06 -10.13
C THR A 537 20.26 0.94 -11.24
N ASN A 538 21.04 1.93 -11.63
CA ASN A 538 20.68 2.88 -12.67
C ASN A 538 19.54 3.75 -12.22
N ASN A 539 19.65 4.25 -11.00
CA ASN A 539 18.65 5.14 -10.44
C ASN A 539 18.98 6.51 -11.03
N LEU A 540 18.04 7.45 -10.95
CA LEU A 540 18.31 8.78 -11.47
C LEU A 540 19.00 9.60 -10.41
N ALA A 542 21.20 13.68 -9.71
CA ALA A 542 21.48 15.03 -10.20
C ALA A 542 22.63 15.04 -11.20
N ASP A 543 22.45 15.78 -12.29
CA ASP A 543 23.46 15.89 -13.32
C ASP A 543 24.70 16.52 -12.69
N PRO A 544 25.87 15.89 -12.86
CA PRO A 544 27.10 16.43 -12.28
C PRO A 544 27.29 17.92 -12.58
N GLU A 545 26.77 18.39 -13.72
CA GLU A 545 26.88 19.79 -14.08
C GLU A 545 25.55 20.53 -13.92
N GLY A 546 24.78 20.13 -12.92
CA GLY A 546 23.49 20.75 -12.63
C GLY A 546 22.79 21.34 -13.84
N SER A 547 21.90 20.56 -14.44
CA SER A 547 21.20 21.02 -15.63
C SER A 547 19.70 20.84 -15.60
N PHE A 548 19.07 21.00 -14.44
CA PHE A 548 17.62 20.82 -14.36
C PHE A 548 17.26 19.39 -14.68
N PHE A 549 17.95 18.81 -15.67
CA PHE A 549 17.73 17.44 -16.09
C PHE A 549 18.46 16.49 -15.16
N SER A 550 18.01 15.25 -15.11
CA SER A 550 18.65 14.26 -14.26
C SER A 550 19.51 13.35 -15.11
N VAL A 551 20.38 12.59 -14.48
CA VAL A 551 21.24 11.67 -15.19
C VAL A 551 21.10 10.31 -14.54
N GLU A 552 21.26 9.25 -15.33
CA GLU A 552 21.14 7.92 -14.76
C GLU A 552 22.47 7.40 -14.25
N GLY A 553 22.52 6.12 -13.89
CA GLY A 553 23.76 5.55 -13.37
C GLY A 553 23.74 5.46 -11.85
N GLY A 554 22.80 6.18 -11.23
CA GLY A 554 22.69 6.17 -9.78
C GLY A 554 22.48 4.76 -9.25
N GLU A 555 22.78 4.56 -7.97
CA GLU A 555 22.61 3.25 -7.38
C GLU A 555 22.31 3.35 -5.90
N ILE A 556 21.41 2.48 -5.42
CA ILE A 556 21.05 2.46 -4.00
C ILE A 556 21.03 1.02 -3.51
N ARG A 557 21.45 0.83 -2.27
CA ARG A 557 21.48 -0.49 -1.67
C ARG A 557 20.62 -0.51 -0.43
N ALA A 558 19.94 -1.62 -0.22
CA ALA A 558 19.10 -1.81 0.95
C ALA A 558 19.33 -3.22 1.46
N ARG A 559 20.00 -3.34 2.60
CA ARG A 559 20.25 -4.65 3.18
C ARG A 559 19.71 -4.64 4.59
N GLY A 560 19.09 -5.73 5.00
CA GLY A 560 18.53 -5.77 6.33
C GLY A 560 18.08 -7.15 6.78
N VAL A 561 17.30 -7.17 7.86
CA VAL A 561 16.80 -8.42 8.41
C VAL A 561 15.34 -8.27 8.79
N GLU A 562 14.55 -9.29 8.48
CA GLU A 562 13.14 -9.25 8.80
C GLU A 562 12.72 -10.56 9.41
N ILE A 563 11.98 -10.46 10.50
CA ILE A 563 11.47 -11.63 11.16
C ILE A 563 10.04 -11.27 11.54
N GLU A 564 9.14 -12.23 11.37
CA GLU A 564 7.75 -12.01 11.69
C GLU A 564 7.26 -13.28 12.35
N ALA A 565 6.19 -13.16 13.14
CA ALA A 565 5.61 -14.30 13.80
C ALA A 565 4.11 -14.10 14.02
N LYS A 566 3.37 -15.16 13.69
CA LYS A 566 1.91 -15.18 13.83
C LYS A 566 1.61 -16.57 14.35
N ALA A 567 0.73 -16.69 15.34
CA ALA A 567 0.42 -18.00 15.89
C ALA A 567 -0.88 -18.06 16.69
N ALA A 568 -1.28 -19.28 17.02
CA ALA A 568 -2.48 -19.51 17.82
C ALA A 568 -2.01 -20.30 19.04
N LEU A 569 -1.21 -19.65 19.88
CA LEU A 569 -0.65 -20.23 21.10
C LEU A 569 -1.66 -20.91 22.03
N SER A 570 -2.94 -20.82 21.69
CA SER A 570 -3.99 -21.42 22.50
C SER A 570 -5.33 -21.20 21.81
N ALA A 571 -6.36 -21.84 22.33
CA ALA A 571 -7.69 -21.69 21.77
C ALA A 571 -8.19 -20.30 22.13
N SER A 572 -7.45 -19.64 23.02
CA SER A 572 -7.81 -18.31 23.47
C SER A 572 -6.71 -17.26 23.28
N VAL A 573 -5.51 -17.71 22.93
CA VAL A 573 -4.39 -16.80 22.74
C VAL A 573 -3.86 -16.71 21.31
N ASN A 574 -3.77 -15.49 20.81
CA ASN A 574 -3.26 -15.22 19.46
C ASN A 574 -2.16 -14.17 19.57
N VAL A 575 -1.13 -14.32 18.74
CA VAL A 575 -0.02 -13.38 18.77
C VAL A 575 0.55 -13.08 17.40
N VAL A 576 0.95 -11.84 17.21
CA VAL A 576 1.54 -11.42 15.97
C VAL A 576 2.60 -10.43 16.35
N GLY A 577 3.75 -10.55 15.70
CA GLY A 577 4.84 -9.64 15.98
C GLY A 577 5.91 -9.76 14.92
N SER A 578 6.71 -8.71 14.79
CA SER A 578 7.76 -8.74 13.80
C SER A 578 8.79 -7.71 14.18
N TYR A 579 9.93 -7.77 13.53
CA TYR A 579 11.03 -6.83 13.74
C TYR A 579 11.64 -6.61 12.38
N THR A 580 12.04 -5.38 12.10
CA THR A 580 12.62 -5.10 10.82
C THR A 580 13.87 -4.26 10.96
N TYR A 581 14.91 -4.66 10.24
CA TYR A 581 16.16 -3.94 10.23
C TYR A 581 16.35 -3.49 8.78
N THR A 582 16.32 -2.19 8.55
CA THR A 582 16.47 -1.69 7.20
C THR A 582 17.65 -0.75 7.07
N ASP A 583 18.64 -1.16 6.29
CA ASP A 583 19.84 -0.35 6.06
C ASP A 583 19.85 0.03 4.58
N ALA A 584 19.23 1.17 4.27
CA ALA A 584 19.17 1.67 2.92
C ALA A 584 20.22 2.76 2.76
N GLU A 585 20.94 2.75 1.64
CA GLU A 585 21.98 3.75 1.44
C GLU A 585 22.33 4.03 -0.02
N TYR A 586 22.59 5.30 -0.31
CA TYR A 586 22.96 5.70 -1.65
C TYR A 586 24.39 5.23 -1.91
N THR A 587 24.53 4.20 -2.74
CA THR A 587 25.84 3.66 -3.10
C THR A 587 26.51 4.64 -4.04
N THR A 588 25.81 5.00 -5.10
CA THR A 588 26.33 5.93 -6.10
C THR A 588 25.32 7.01 -6.35
N ASP A 589 25.73 8.26 -6.15
CA ASP A 589 24.82 9.36 -6.39
C ASP A 589 25.54 10.71 -6.36
N THR A 590 25.15 11.60 -7.27
CA THR A 590 25.73 12.92 -7.39
C THR A 590 25.61 13.72 -6.09
N THR A 591 24.39 14.12 -5.76
CA THR A 591 24.14 14.90 -4.56
C THR A 591 24.31 14.07 -3.31
N TYR A 592 23.33 13.23 -3.03
CA TYR A 592 23.34 12.38 -1.86
C TYR A 592 24.30 11.24 -2.09
N LYS A 593 24.60 10.50 -1.04
CA LYS A 593 25.52 9.35 -1.11
C LYS A 593 25.85 9.04 0.32
N GLY A 594 25.73 7.77 0.69
CA GLY A 594 26.00 7.41 2.07
C GLY A 594 24.78 7.84 2.86
N ASN A 595 23.97 8.69 2.25
CA ASN A 595 22.74 9.18 2.86
C ASN A 595 21.69 8.09 2.75
N THR A 596 20.74 8.07 3.68
CA THR A 596 19.67 7.08 3.63
C THR A 596 18.45 7.82 3.09
N PRO A 597 17.68 7.18 2.20
CA PRO A 597 16.49 7.84 1.66
C PRO A 597 15.49 8.19 2.74
N ALA A 598 14.82 9.31 2.56
CA ALA A 598 13.85 9.77 3.54
C ALA A 598 12.72 8.79 3.76
N GLN A 599 12.09 8.90 4.91
CA GLN A 599 10.94 8.08 5.28
C GLN A 599 11.15 6.61 5.55
N VAL A 600 12.39 6.14 5.46
CA VAL A 600 12.64 4.74 5.78
C VAL A 600 13.40 4.60 7.10
N PRO A 601 12.69 4.27 8.18
CA PRO A 601 13.30 4.10 9.50
C PRO A 601 14.25 2.91 9.48
N LYS A 602 15.29 2.98 10.31
CA LYS A 602 16.27 1.90 10.40
C LYS A 602 15.69 0.71 11.16
N HIS A 603 14.88 1.00 12.18
CA HIS A 603 14.28 -0.05 12.99
C HIS A 603 12.78 0.08 13.07
N ALA A 605 9.24 -2.44 14.53
CA ALA A 605 8.86 -3.65 15.23
C ALA A 605 7.45 -3.53 15.79
N SER A 606 6.78 -4.67 15.88
CA SER A 606 5.43 -4.68 16.39
C SER A 606 5.18 -6.00 17.08
N LEU A 607 4.25 -5.99 18.02
CA LEU A 607 3.91 -7.18 18.77
C LEU A 607 2.46 -6.98 19.13
N TRP A 608 1.67 -8.03 18.97
CA TRP A 608 0.26 -7.95 19.29
C TRP A 608 -0.22 -9.30 19.79
N ALA A 609 -1.08 -9.27 20.81
CA ALA A 609 -1.62 -10.50 21.37
C ALA A 609 -3.03 -10.26 21.87
N ASP A 610 -3.86 -11.29 21.76
CA ASP A 610 -5.24 -11.21 22.21
C ASP A 610 -5.58 -12.48 22.95
N TYR A 611 -6.44 -12.34 23.96
CA TYR A 611 -6.89 -13.47 24.75
C TYR A 611 -8.40 -13.52 24.65
N THR A 612 -8.94 -14.73 24.70
CA THR A 612 -10.37 -14.88 24.63
C THR A 612 -10.82 -15.80 25.75
N PHE A 613 -11.99 -15.52 26.31
CA PHE A 613 -12.50 -16.32 27.41
C PHE A 613 -13.63 -17.23 27.00
N PHE A 614 -13.65 -18.41 27.59
CA PHE A 614 -14.69 -19.41 27.37
C PHE A 614 -15.03 -19.91 28.77
N ASP A 615 -14.20 -19.51 29.72
CA ASP A 615 -14.34 -19.89 31.13
C ASP A 615 -15.57 -19.30 31.81
N GLY A 616 -15.33 -18.69 32.97
CA GLY A 616 -16.40 -18.12 33.77
C GLY A 616 -17.41 -17.15 33.16
N PRO A 617 -17.81 -16.13 33.95
CA PRO A 617 -18.77 -15.12 33.53
C PRO A 617 -18.25 -14.29 32.37
N LEU A 618 -16.93 -14.31 32.18
CA LEU A 618 -16.30 -13.55 31.12
C LEU A 618 -16.23 -14.38 29.83
N SER A 619 -17.11 -15.37 29.72
CA SER A 619 -17.14 -16.22 28.54
C SER A 619 -17.52 -15.40 27.32
N GLY A 620 -16.81 -15.62 26.22
CA GLY A 620 -17.09 -14.89 25.00
C GLY A 620 -16.57 -13.46 25.07
N LEU A 621 -15.44 -13.29 25.75
CA LEU A 621 -14.83 -11.98 25.90
C LEU A 621 -13.41 -12.03 25.41
N THR A 622 -13.09 -11.20 24.42
CA THR A 622 -11.72 -11.15 23.93
C THR A 622 -11.10 -9.81 24.29
N LEU A 623 -9.89 -9.86 24.81
CA LEU A 623 -9.17 -8.64 25.16
C LEU A 623 -7.86 -8.76 24.42
N GLY A 624 -7.50 -7.72 23.70
CA GLY A 624 -6.25 -7.75 22.97
C GLY A 624 -5.60 -6.40 22.98
N THR A 625 -4.30 -6.39 22.78
CA THR A 625 -3.55 -5.16 22.76
C THR A 625 -2.20 -5.43 22.12
N GLY A 626 -1.57 -4.36 21.64
CA GLY A 626 -0.28 -4.51 21.02
C GLY A 626 0.33 -3.15 20.74
N GLY A 627 1.58 -3.16 20.31
CA GLY A 627 2.26 -1.90 20.02
C GLY A 627 3.06 -1.98 18.74
N ARG A 628 3.29 -0.81 18.15
CA ARG A 628 4.07 -0.73 16.92
C ARG A 628 5.15 0.31 17.11
N TYR A 629 6.39 -0.09 16.82
CA TYR A 629 7.51 0.81 16.98
C TYR A 629 8.07 1.24 15.63
N THR A 630 8.20 2.55 15.47
CA THR A 630 8.77 3.15 14.26
C THR A 630 9.98 3.93 14.74
N GLY A 631 11.18 3.49 14.34
CA GLY A 631 12.39 4.19 14.72
C GLY A 631 12.46 5.54 14.05
N SER A 632 13.51 6.30 14.34
CA SER A 632 13.68 7.62 13.74
C SER A 632 14.02 7.43 12.28
N SER A 633 13.72 8.44 11.46
CA SER A 633 14.01 8.39 10.04
C SER A 633 14.46 9.75 9.56
N TYR A 634 14.98 9.81 8.34
CA TYR A 634 15.40 11.09 7.80
C TYR A 634 14.23 11.76 7.10
N GLY A 635 14.09 13.07 7.31
CA GLY A 635 12.99 13.81 6.71
C GLY A 635 13.33 14.49 5.39
N ASP A 636 14.41 14.08 4.75
CA ASP A 636 14.80 14.66 3.48
C ASP A 636 16.04 14.01 2.88
N PRO A 637 16.18 14.06 1.55
CA PRO A 637 17.33 13.45 0.86
C PRO A 637 18.67 13.97 1.38
N ALA A 638 18.71 15.24 1.71
CA ALA A 638 19.95 15.83 2.21
C ALA A 638 20.27 15.30 3.60
N ASN A 639 19.27 14.71 4.24
CA ASN A 639 19.45 14.19 5.58
C ASN A 639 19.73 15.39 6.48
N SER A 640 19.20 16.54 6.08
CA SER A 640 19.36 17.77 6.83
C SER A 640 18.93 17.58 8.27
N PHE A 641 17.74 17.04 8.49
CA PHE A 641 17.25 16.82 9.84
C PHE A 641 16.70 15.41 9.99
N LYS A 642 16.14 15.10 11.14
CA LYS A 642 15.60 13.75 11.38
C LYS A 642 14.24 13.72 12.06
N VAL A 643 13.46 12.69 11.74
CA VAL A 643 12.15 12.52 12.33
C VAL A 643 12.33 11.50 13.45
N GLY A 644 11.94 11.89 14.65
CA GLY A 644 12.09 11.02 15.80
C GLY A 644 11.23 9.79 15.83
N SER A 645 11.75 8.74 16.45
CA SER A 645 11.06 7.48 16.57
C SER A 645 9.83 7.67 17.43
N TYR A 646 9.01 6.63 17.52
CA TYR A 646 7.79 6.67 18.30
C TYR A 646 7.21 5.27 18.41
N THR A 647 6.30 5.11 19.36
CA THR A 647 5.65 3.84 19.60
C THR A 647 4.19 4.10 19.89
N VAL A 648 3.32 3.42 19.15
CA VAL A 648 1.88 3.59 19.30
C VAL A 648 1.24 2.30 19.78
N VAL A 649 0.29 2.41 20.70
CA VAL A 649 -0.37 1.23 21.22
C VAL A 649 -1.79 1.09 20.75
N ASP A 650 -2.18 -0.16 20.48
CA ASP A 650 -3.52 -0.48 20.03
C ASP A 650 -4.15 -1.44 21.04
N ALA A 651 -5.45 -1.27 21.28
CA ALA A 651 -6.14 -2.13 22.23
C ALA A 651 -7.44 -2.64 21.62
N LEU A 652 -7.92 -3.76 22.15
CA LEU A 652 -9.14 -4.35 21.64
C LEU A 652 -9.96 -5.07 22.70
N VAL A 653 -11.27 -4.86 22.69
CA VAL A 653 -12.19 -5.53 23.59
C VAL A 653 -13.38 -6.01 22.76
N ARG A 654 -13.52 -7.33 22.67
CA ARG A 654 -14.57 -7.93 21.87
C ARG A 654 -15.42 -8.84 22.76
N TYR A 655 -16.73 -8.87 22.51
CA TYR A 655 -17.66 -9.69 23.26
C TYR A 655 -18.61 -10.48 22.36
N ASP A 656 -18.53 -11.81 22.43
CA ASP A 656 -19.39 -12.68 21.63
C ASP A 656 -20.85 -12.47 22.07
N LEU A 657 -21.73 -12.17 21.12
CA LEU A 657 -23.13 -11.92 21.43
C LEU A 657 -24.01 -13.16 21.55
N ALA A 658 -23.39 -14.33 21.58
CA ALA A 658 -24.11 -15.59 21.69
C ALA A 658 -25.04 -15.62 22.91
N ARG A 659 -24.52 -15.16 24.05
CA ARG A 659 -25.26 -15.12 25.30
C ARG A 659 -26.48 -14.19 25.25
N VAL A 660 -27.10 -14.11 24.07
CA VAL A 660 -28.29 -13.30 23.87
C VAL A 660 -28.96 -13.85 22.62
N GLY A 661 -28.65 -15.11 22.34
CA GLY A 661 -29.22 -15.78 21.19
C GLY A 661 -28.53 -15.51 19.87
N ALA A 663 -25.38 -16.05 18.29
CA ALA A 663 -24.07 -16.65 18.19
C ALA A 663 -23.43 -16.12 16.92
N GLY A 664 -22.10 -15.97 16.93
CA GLY A 664 -21.42 -15.48 15.75
C GLY A 664 -21.36 -13.96 15.65
N SER A 665 -22.37 -13.29 16.19
CA SER A 665 -22.39 -11.83 16.15
C SER A 665 -21.58 -11.33 17.33
N ASN A 666 -21.25 -10.04 17.32
CA ASN A 666 -20.47 -9.48 18.42
C ASN A 666 -20.44 -7.96 18.42
N VAL A 667 -20.02 -7.41 19.54
CA VAL A 667 -19.91 -5.97 19.72
C VAL A 667 -18.45 -5.75 20.07
N ALA A 668 -17.82 -4.75 19.48
CA ALA A 668 -16.42 -4.50 19.79
C ALA A 668 -16.03 -3.04 19.92
N LEU A 669 -14.90 -2.81 20.57
CA LEU A 669 -14.36 -1.48 20.77
C LEU A 669 -12.89 -1.53 20.38
N HIS A 670 -12.48 -0.65 19.48
CA HIS A 670 -11.09 -0.61 19.01
C HIS A 670 -10.50 0.77 19.27
N VAL A 671 -9.28 0.79 19.78
CA VAL A 671 -8.61 2.05 20.06
C VAL A 671 -7.28 2.03 19.35
N ASN A 672 -6.95 3.12 18.69
CA ASN A 672 -5.67 3.21 18.02
C ASN A 672 -4.96 4.40 18.65
N ASN A 673 -3.69 4.19 19.02
CA ASN A 673 -2.92 5.23 19.68
C ASN A 673 -3.60 5.51 21.00
N LEU A 674 -3.63 4.47 21.84
CA LEU A 674 -4.25 4.50 23.16
C LEU A 674 -3.80 5.69 24.00
N PHE A 675 -2.50 5.94 24.03
CA PHE A 675 -1.95 7.06 24.80
C PHE A 675 -1.94 8.35 23.99
N ASP A 676 -2.86 8.44 23.03
CA ASP A 676 -2.99 9.61 22.18
C ASP A 676 -1.65 10.30 21.94
N ARG A 677 -0.61 9.51 21.72
CA ARG A 677 0.70 10.07 21.49
C ARG A 677 0.69 10.98 20.27
N GLU A 678 1.48 12.05 20.34
CA GLU A 678 1.61 13.02 19.25
C GLU A 678 2.93 12.75 18.55
N TYR A 679 2.88 12.45 17.26
CA TYR A 679 4.11 12.18 16.53
C TYR A 679 4.07 12.54 15.07
N VAL A 680 5.21 12.95 14.53
CA VAL A 680 5.28 13.25 13.12
C VAL A 680 5.60 11.89 12.54
N ALA A 681 4.74 11.43 11.64
CA ALA A 681 4.91 10.13 11.02
C ALA A 681 6.20 10.09 10.23
N SER A 682 6.40 11.12 9.41
CA SER A 682 7.59 11.26 8.58
C SER A 682 7.54 12.57 7.80
N CYS A 683 8.55 12.75 6.96
CA CYS A 683 8.66 13.92 6.10
C CYS A 683 9.40 13.40 4.89
N PHE A 684 9.08 13.89 3.70
CA PHE A 684 9.79 13.43 2.51
C PHE A 684 10.75 14.54 2.13
N ASN A 685 10.64 15.64 2.85
CA ASN A 685 11.50 16.81 2.68
C ASN A 685 11.15 17.83 3.78
N THR A 686 12.03 18.80 3.99
CA THR A 686 11.85 19.83 5.02
C THR A 686 10.48 20.52 5.00
N TYR A 687 9.86 20.58 3.84
CA TYR A 687 8.56 21.23 3.73
C TYR A 687 7.39 20.29 3.71
N GLY A 688 7.68 18.98 3.63
CA GLY A 688 6.63 17.97 3.60
C GLY A 688 6.68 16.99 4.75
N CYS A 689 6.04 17.34 5.87
CA CYS A 689 5.98 16.47 7.05
C CYS A 689 4.52 16.17 7.35
N PHE A 690 4.27 15.02 7.96
CA PHE A 690 2.90 14.60 8.24
C PHE A 690 2.65 14.21 9.68
N TRP A 691 1.69 14.86 10.31
CA TRP A 691 1.37 14.52 11.68
C TRP A 691 0.85 13.10 11.67
N GLY A 692 1.25 12.32 12.66
CA GLY A 692 0.77 10.95 12.79
C GLY A 692 -0.70 11.00 13.16
N ALA A 693 -1.32 9.85 13.39
CA ALA A 693 -2.74 9.82 13.72
C ALA A 693 -3.00 9.88 15.23
N GLU A 694 -3.90 10.78 15.60
CA GLU A 694 -4.28 10.96 17.01
C GLU A 694 -5.14 9.78 17.43
N ARG A 695 -5.27 9.59 18.74
CA ARG A 695 -6.07 8.49 19.26
C ARG A 695 -7.43 8.42 18.59
N GLN A 696 -7.83 7.21 18.24
CA GLN A 696 -9.10 6.98 17.57
C GLN A 696 -9.85 5.85 18.27
N VAL A 697 -11.12 6.10 18.57
CA VAL A 697 -11.98 5.12 19.23
C VAL A 697 -13.13 4.75 18.32
N VAL A 698 -13.32 3.46 18.09
CA VAL A 698 -14.39 2.98 17.22
C VAL A 698 -15.23 1.92 17.91
N ALA A 699 -16.54 2.02 17.78
CA ALA A 699 -17.45 1.03 18.35
C ALA A 699 -18.08 0.31 17.18
N THR A 700 -17.93 -1.01 17.16
CA THR A 700 -18.46 -1.81 16.07
C THR A 700 -19.44 -2.87 16.54
N ALA A 701 -20.52 -3.00 15.80
CA ALA A 701 -21.56 -3.98 16.09
C ALA A 701 -21.72 -4.71 14.77
N THR A 702 -21.27 -5.96 14.73
CA THR A 702 -21.37 -6.74 13.52
C THR A 702 -22.23 -7.98 13.78
N PHE A 703 -23.38 -8.02 13.13
CA PHE A 703 -24.33 -9.13 13.30
C PHE A 703 -24.29 -10.11 12.16
N ARG A 704 -24.42 -11.38 12.49
CA ARG A 704 -24.44 -12.47 11.52
C ARG A 704 -25.82 -13.14 11.60
N PHE A 705 -26.61 -13.04 10.54
CA PHE A 705 -27.94 -13.65 10.54
C PHE A 705 -27.91 -15.07 9.95
#